data_3AE2
#
_entry.id   3AE2
#
_cell.length_a   71.855
_cell.length_b   84.201
_cell.length_c   294.615
_cell.angle_alpha   90.00
_cell.angle_beta   90.00
_cell.angle_gamma   90.00
#
_symmetry.space_group_name_H-M   'P 21 21 21'
#
loop_
_entity.id
_entity.type
_entity.pdbx_description
1 polymer 'Succinate dehydrogenase [ubiquinone] flavoprotein subunit, mitochondrial'
2 polymer 'Succinate dehydrogenase [ubiquinone] iron-sulfur subunit, mitochondrial'
3 polymer 'Succinate dehydrogenase cytochrome b560 subunit, mitochondrial'
4 polymer 'Succinate dehydrogenase [ubiquinone] cytochrome b small subunit, mitochondrial'
5 non-polymer 'FLAVIN-ADENINE DINUCLEOTIDE'
6 non-polymer 'MALONATE ION'
7 non-polymer 'FE2/S2 (INORGANIC) CLUSTER'
8 non-polymer 'IRON/SULFUR CLUSTER'
9 non-polymer 'FE3-S4 CLUSTER'
10 non-polymer 'PROTOPORPHYRIN IX CONTAINING FE'
11 non-polymer 2-hydroxy-N-phenylbenzamide
12 non-polymer L-ALPHA-PHOSPHATIDYL-BETA-OLEOYL-GAMMA-PALMITOYL-PHOSPHATIDYLETHANOLAMINE
13 water water
#
loop_
_entity_poly.entity_id
_entity_poly.type
_entity_poly.pdbx_seq_one_letter_code
_entity_poly.pdbx_strand_id
1 'polypeptide(L)'
;SSAKVSDAISTQYPVVDHEFDAVVVGAGGAGLRAAFGLSEAGFNTACVTKLFPTRSHTVAAQGGINAALGNMEEDNWRWH
FYDTVKGSDWLGDQDAIHYMTEQAPASVVELENYGMPFSRTEDGKIYQRAFGGQSLKFGKGGQAHRCCCVADRTGHSLLH
TLYGRSLRYDTSYFVEYFALDLLMENGECRGVIALCIEDGSIHRIRARNTVVATGGYGRTYFSCTSAHTSTGDGTAMVTR
AGLPCQDLEFVQFHPTGIYGAGCLITEGCRGEGGILINSQGERFMERYAPVAKDLASRDVVSRSMTLEIREGRGCGPEKD
HVYLQLHHLPPEQLAVRLPGISETAMIFAGVDVTKEPIPVLPTVHYNMGGIPTNYKGQVLRHVNGQDQVVPGLYACGEAA
CASVHGANRLGANSLLDLVVFGRACALSIAESCRPGDKVPSIKPNAGEESVMNLDKLRFANGTIRTSELRLSMQKSMQSH
AAVFRVGSVLQEGCEKILRLYGDLQHLKTFDRGMVWNTDLVETLELQNLMLCALQTIYGAEARKESRGAHAREDFKERVD
EYDYSKPIQGQQKKPFQEHWRKHTLSYVDVKTGKVSLEYRPVIDKTLNEADCATVPPAIRSY
;
A
2 'polypeptide(L)'
;AQTAAATAPRIKKFAIYRWDPDKTGDKPHMQTYEIDLNNCGPMVLDALIKIKNEIDSTLTFRRSCREGICGSCAMNINGG
NTLACTRRIDTNLDKVSKIYPLPHMYVIKDLVPDLSNFYAQYKSIEPYLKKKDESQEGKQQYLQSIEEREKLDGLYECIL
CACCSTSCPSYWWNGDKYLGPAVLMQAYRWMIDSRDDFTEERLAKLQDPFSLYRCHTIMNCTGTCPKGLNPGKAIAEIKK
MMATYKEKKASA
;
B
3 'polypeptide(L)'
;LGTTAKEEMERFWNKNLGSNRPLSPHITIYRWSLPMAMSICHRGTGIALSAGVSLFGLSALLLPGNFESHLELVKSLCLG
PTLIYTAKFGIVFPLMYHTWNGIRHLIWDLGKGLTIPQLTQSGVVVLILTVLSSVGLAAM
;
C
4 'polypeptide(L)'
;ASSKAASLHWTGERVVSVLLLGLLPAAYLNPCSAMDYSLAAALTLHGHWGIGQVVTDYVRGDALQKAAKAGLLALSAFTF
AGLCYFNYHDVGICKAVAMLWKL
;
D
#
loop_
_chem_comp.id
_chem_comp.type
_chem_comp.name
_chem_comp.formula
EPH non-polymer L-ALPHA-PHOSPHATIDYL-BETA-OLEOYL-GAMMA-PALMITOYL-PHOSPHATIDYLETHANOLAMINE 'C39 H68 N O8 P'
F3S non-polymer 'FE3-S4 CLUSTER' 'Fe3 S4'
FAD non-polymer 'FLAVIN-ADENINE DINUCLEOTIDE' 'C27 H33 N9 O15 P2'
FES non-polymer 'FE2/S2 (INORGANIC) CLUSTER' 'Fe2 S2'
HEM non-polymer 'PROTOPORPHYRIN IX CONTAINING FE' 'C34 H32 Fe N4 O4'
MLI non-polymer 'MALONATE ION' 'C3 H2 O4 -2'
SF4 non-polymer 'IRON/SULFUR CLUSTER' 'Fe4 S4'
SLI non-polymer 2-hydroxy-N-phenylbenzamide 'C13 H11 N O2'
#
# COMPACT_ATOMS: atom_id res chain seq x y z
N SER A 10 2.80 32.12 -14.22
CA SER A 10 2.84 33.57 -14.60
C SER A 10 2.33 33.75 -16.03
N THR A 11 1.01 33.66 -16.20
CA THR A 11 0.34 33.72 -17.52
C THR A 11 0.68 32.51 -18.40
N GLN A 12 1.70 31.77 -17.98
CA GLN A 12 2.10 30.53 -18.63
C GLN A 12 1.51 29.36 -17.84
N TYR A 13 0.87 29.69 -16.72
CA TYR A 13 0.32 28.71 -15.79
C TYR A 13 -1.17 28.95 -15.49
N PRO A 14 -2.02 27.93 -15.74
CA PRO A 14 -3.42 28.01 -15.33
C PRO A 14 -3.58 27.94 -13.80
N VAL A 15 -4.10 29.02 -13.22
CA VAL A 15 -4.34 29.11 -11.77
C VAL A 15 -5.81 28.87 -11.40
N VAL A 16 -6.10 27.73 -10.78
CA VAL A 16 -7.47 27.39 -10.42
C VAL A 16 -7.71 27.62 -8.93
N ASP A 17 -8.72 28.43 -8.62
CA ASP A 17 -9.05 28.77 -7.23
C ASP A 17 -10.14 27.84 -6.66
N HIS A 18 -9.90 27.33 -5.45
CA HIS A 18 -10.82 26.44 -4.76
C HIS A 18 -11.24 27.03 -3.41
N GLU A 19 -12.48 26.75 -2.99
CA GLU A 19 -13.03 27.32 -1.77
C GLU A 19 -13.54 26.25 -0.80
N PHE A 20 -12.91 26.16 0.36
CA PHE A 20 -13.24 25.14 1.35
C PHE A 20 -13.29 25.69 2.77
N ASP A 21 -13.94 24.95 3.67
CA ASP A 21 -13.96 25.32 5.08
C ASP A 21 -12.62 25.00 5.75
N ALA A 22 -12.04 23.86 5.35
CA ALA A 22 -10.78 23.39 5.91
C ALA A 22 -9.96 22.62 4.89
N VAL A 23 -8.64 22.76 4.95
CA VAL A 23 -7.74 21.96 4.13
C VAL A 23 -6.80 21.16 5.02
N VAL A 24 -6.72 19.86 4.76
CA VAL A 24 -5.72 19.00 5.39
C VAL A 24 -4.65 18.66 4.35
N VAL A 25 -3.42 19.03 4.63
CA VAL A 25 -2.30 18.65 3.78
C VAL A 25 -1.66 17.39 4.36
N GLY A 26 -1.90 16.27 3.69
CA GLY A 26 -1.42 14.98 4.17
C GLY A 26 -2.52 13.95 4.29
N ALA A 27 -2.30 12.78 3.72
CA ALA A 27 -3.27 11.70 3.80
C ALA A 27 -2.65 10.49 4.49
N GLY A 28 -1.72 10.75 5.40
CA GLY A 28 -1.18 9.71 6.28
C GLY A 28 -2.21 9.28 7.30
N GLY A 29 -1.75 8.71 8.40
CA GLY A 29 -2.66 8.31 9.48
C GLY A 29 -3.30 9.53 10.09
N ALA A 30 -2.44 10.46 10.51
CA ALA A 30 -2.85 11.73 11.08
C ALA A 30 -3.70 12.50 10.07
N GLY A 31 -3.20 12.62 8.84
CA GLY A 31 -3.87 13.35 7.79
C GLY A 31 -5.32 12.94 7.62
N LEU A 32 -5.51 11.65 7.34
CA LEU A 32 -6.84 11.05 7.18
C LEU A 32 -7.78 11.28 8.37
N ARG A 33 -7.29 10.96 9.57
CA ARG A 33 -8.12 11.06 10.77
C ARG A 33 -8.64 12.48 10.96
N ALA A 34 -7.79 13.45 10.67
CA ALA A 34 -8.18 14.85 10.72
C ALA A 34 -9.13 15.15 9.58
N ALA A 35 -8.73 14.71 8.38
CA ALA A 35 -9.52 14.92 7.17
C ALA A 35 -10.99 14.52 7.35
N PHE A 36 -11.25 13.24 7.61
CA PHE A 36 -12.63 12.78 7.71
C PHE A 36 -13.27 13.15 9.05
N GLY A 37 -12.44 13.38 10.06
CA GLY A 37 -12.90 13.89 11.36
C GLY A 37 -13.57 15.24 11.25
N LEU A 38 -13.02 16.08 10.37
CA LEU A 38 -13.58 17.38 10.03
C LEU A 38 -14.91 17.25 9.30
N SER A 39 -14.95 16.37 8.31
CA SER A 39 -16.16 16.17 7.50
C SER A 39 -17.30 15.54 8.30
N GLU A 40 -16.93 14.62 9.20
CA GLU A 40 -17.86 13.99 10.15
C GLU A 40 -18.56 15.03 11.04
N ALA A 41 -17.87 16.14 11.29
CA ALA A 41 -18.41 17.24 12.11
C ALA A 41 -19.11 18.32 11.26
N GLY A 42 -19.30 18.03 9.97
CA GLY A 42 -20.06 18.90 9.07
C GLY A 42 -19.27 19.90 8.23
N PHE A 43 -17.94 19.78 8.24
CA PHE A 43 -17.09 20.72 7.53
C PHE A 43 -16.75 20.30 6.10
N ASN A 44 -16.91 21.23 5.16
CA ASN A 44 -16.53 21.03 3.77
C ASN A 44 -15.00 21.05 3.62
N THR A 45 -14.41 19.86 3.66
CA THR A 45 -12.97 19.69 3.78
C THR A 45 -12.29 19.15 2.52
N ALA A 46 -11.14 19.72 2.17
CA ALA A 46 -10.28 19.19 1.13
C ALA A 46 -9.03 18.53 1.73
N CYS A 47 -8.65 17.38 1.21
CA CYS A 47 -7.42 16.72 1.64
C CYS A 47 -6.41 16.68 0.51
N VAL A 48 -5.29 17.39 0.69
CA VAL A 48 -4.28 17.54 -0.35
C VAL A 48 -3.10 16.66 -0.07
N THR A 49 -2.84 15.72 -0.99
CA THR A 49 -1.82 14.70 -0.79
C THR A 49 -1.05 14.40 -2.06
N LYS A 50 0.26 14.22 -1.92
CA LYS A 50 1.15 13.99 -3.06
C LYS A 50 1.16 12.52 -3.48
N LEU A 51 0.74 11.66 -2.57
CA LEU A 51 0.59 10.24 -2.87
C LEU A 51 -0.88 9.84 -2.75
N PHE A 52 -1.24 8.70 -3.34
CA PHE A 52 -2.52 8.08 -3.02
C PHE A 52 -2.48 7.72 -1.53
N PRO A 53 -3.58 7.97 -0.79
CA PRO A 53 -3.57 7.88 0.67
C PRO A 53 -2.99 6.58 1.25
N THR A 54 -3.24 5.45 0.60
CA THR A 54 -2.73 4.16 1.04
C THR A 54 -1.20 4.02 0.92
N ARG A 55 -0.60 4.82 0.04
CA ARG A 55 0.84 4.75 -0.21
C ARG A 55 1.64 5.48 0.86
N SER A 56 0.97 6.35 1.63
CA SER A 56 1.59 7.17 2.68
C SER A 56 2.47 6.33 3.58
N HIS A 57 3.52 6.86 4.15
CA HIS A 57 4.44 6.04 4.94
C HIS A 57 3.79 5.19 6.01
N THR A 58 2.70 5.64 6.61
CA THR A 58 2.20 4.89 7.76
C THR A 58 1.85 3.43 7.45
N VAL A 59 1.80 3.05 6.16
CA VAL A 59 1.66 1.63 5.80
C VAL A 59 2.85 0.80 6.24
N ALA A 60 4.03 1.43 6.18
CA ALA A 60 5.26 0.77 6.56
C ALA A 60 5.27 0.35 8.04
N ALA A 61 4.39 0.95 8.83
CA ALA A 61 4.34 0.71 10.26
C ALA A 61 4.14 -0.77 10.59
N GLN A 62 4.70 -1.18 11.73
CA GLN A 62 4.94 -2.58 12.03
C GLN A 62 4.67 -2.97 13.47
N GLY A 63 5.29 -2.24 14.40
CA GLY A 63 5.28 -2.59 15.82
C GLY A 63 3.89 -2.62 16.41
N GLY A 64 3.25 -1.46 16.45
CA GLY A 64 1.89 -1.36 16.94
C GLY A 64 1.49 0.00 17.43
N ILE A 65 0.42 0.02 18.23
CA ILE A 65 -0.22 1.25 18.64
C ILE A 65 -0.52 1.16 20.14
N ASN A 66 0.16 1.98 20.93
CA ASN A 66 0.06 1.89 22.39
C ASN A 66 -1.24 2.46 22.95
N ALA A 67 -1.89 1.65 23.78
CA ALA A 67 -3.07 2.09 24.54
C ALA A 67 -3.14 1.23 25.79
N ALA A 68 -3.54 1.83 26.90
CA ALA A 68 -3.61 1.10 28.15
C ALA A 68 -4.93 0.37 28.29
N LEU A 69 -5.22 -0.53 27.36
CA LEU A 69 -6.48 -1.26 27.35
C LEU A 69 -6.59 -2.27 28.49
N GLY A 70 -5.44 -2.75 28.97
CA GLY A 70 -5.39 -3.74 30.05
C GLY A 70 -6.06 -5.03 29.64
N ASN A 71 -5.55 -5.63 28.58
CA ASN A 71 -6.10 -6.86 28.03
C ASN A 71 -5.29 -8.10 28.41
N MET A 72 -3.99 -7.91 28.61
CA MET A 72 -3.09 -9.00 29.01
C MET A 72 -3.07 -9.11 30.52
N GLU A 73 -2.35 -8.18 31.16
CA GLU A 73 -2.43 -7.98 32.61
C GLU A 73 -3.37 -6.78 32.82
N GLU A 74 -3.58 -6.36 34.07
CA GLU A 74 -4.35 -5.13 34.31
C GLU A 74 -3.47 -3.88 34.14
N ASP A 75 -4.04 -2.82 33.56
CA ASP A 75 -3.26 -1.64 33.20
C ASP A 75 -3.89 -0.35 33.73
N ASN A 76 -3.17 0.75 33.58
CA ASN A 76 -3.64 2.08 33.90
C ASN A 76 -2.96 3.06 32.97
N TRP A 77 -3.74 3.96 32.37
CA TRP A 77 -3.22 4.90 31.40
C TRP A 77 -2.22 5.87 32.00
N ARG A 78 -2.31 6.07 33.32
CA ARG A 78 -1.40 6.96 34.01
C ARG A 78 0.00 6.35 34.03
N TRP A 79 0.09 5.02 34.03
CA TRP A 79 1.38 4.33 33.99
C TRP A 79 2.03 4.55 32.63
N HIS A 80 1.19 4.57 31.60
CA HIS A 80 1.59 4.85 30.22
C HIS A 80 2.07 6.30 30.12
N PHE A 81 1.32 7.21 30.73
CA PHE A 81 1.73 8.59 30.88
C PHE A 81 3.16 8.66 31.38
N TYR A 82 3.40 8.11 32.57
CA TYR A 82 4.72 8.16 33.20
C TYR A 82 5.82 7.71 32.24
N ASP A 83 5.58 6.58 31.57
CA ASP A 83 6.57 5.98 30.68
C ASP A 83 6.94 6.89 29.51
N THR A 84 5.96 7.65 29.01
CA THR A 84 6.16 8.52 27.86
C THR A 84 7.01 9.73 28.25
N VAL A 85 6.67 10.39 29.35
CA VAL A 85 7.44 11.53 29.85
C VAL A 85 8.84 11.09 30.29
N LYS A 86 8.94 9.97 31.01
CA LYS A 86 10.24 9.41 31.36
C LYS A 86 11.04 9.10 30.09
N GLY A 87 10.35 8.61 29.07
CA GLY A 87 10.95 8.36 27.76
C GLY A 87 11.41 9.64 27.07
N SER A 88 10.61 10.70 27.20
CA SER A 88 10.87 11.98 26.55
C SER A 88 12.08 12.69 27.12
N ASP A 89 12.63 12.14 28.19
CA ASP A 89 13.79 12.71 28.88
C ASP A 89 13.52 14.16 29.33
N TRP A 90 12.26 14.39 29.73
CA TRP A 90 11.78 15.67 30.26
C TRP A 90 11.86 16.87 29.34
N LEU A 91 11.80 16.59 28.04
CA LEU A 91 11.59 17.61 27.04
C LEU A 91 10.17 17.49 26.51
N GLY A 92 9.52 16.38 26.84
CA GLY A 92 8.12 16.16 26.47
C GLY A 92 7.21 17.08 27.26
N ASP A 93 6.31 17.75 26.54
CA ASP A 93 5.34 18.64 27.15
C ASP A 93 4.20 17.85 27.77
N GLN A 94 4.14 17.87 29.09
CA GLN A 94 3.32 16.93 29.86
C GLN A 94 1.83 17.10 29.67
N ASP A 95 1.40 18.32 29.33
CA ASP A 95 -0.01 18.59 29.04
C ASP A 95 -0.50 17.82 27.81
N ALA A 96 0.35 17.74 26.78
CA ALA A 96 0.07 16.96 25.58
C ALA A 96 0.12 15.46 25.87
N ILE A 97 1.12 15.03 26.66
CA ILE A 97 1.26 13.63 27.03
C ILE A 97 0.09 13.11 27.87
N HIS A 98 -0.41 13.95 28.78
CA HIS A 98 -1.63 13.64 29.54
C HIS A 98 -2.76 13.36 28.56
N TYR A 99 -3.07 14.35 27.72
CA TYR A 99 -4.18 14.26 26.77
C TYR A 99 -4.11 13.01 25.90
N MET A 100 -2.90 12.66 25.46
CA MET A 100 -2.69 11.55 24.55
C MET A 100 -2.92 10.20 25.23
N THR A 101 -2.24 9.97 26.35
CA THR A 101 -2.27 8.67 27.01
C THR A 101 -3.62 8.34 27.64
N GLU A 102 -4.37 9.38 28.04
CA GLU A 102 -5.74 9.20 28.51
C GLU A 102 -6.66 8.82 27.35
N GLN A 103 -6.50 9.49 26.22
CA GLN A 103 -7.32 9.25 25.05
C GLN A 103 -6.98 7.90 24.39
N ALA A 104 -5.76 7.43 24.64
CA ALA A 104 -5.24 6.22 24.00
C ALA A 104 -6.24 5.08 23.83
N PRO A 105 -6.87 4.61 24.94
CA PRO A 105 -7.81 3.51 24.78
C PRO A 105 -8.97 3.86 23.89
N ALA A 106 -9.65 4.97 24.19
CA ALA A 106 -10.79 5.44 23.40
C ALA A 106 -10.48 5.49 21.90
N SER A 107 -9.31 6.02 21.56
CA SER A 107 -8.86 6.14 20.18
C SER A 107 -8.63 4.79 19.50
N VAL A 108 -8.05 3.84 20.24
CA VAL A 108 -7.77 2.50 19.70
C VAL A 108 -9.04 1.69 19.52
N VAL A 109 -9.92 1.73 20.52
CA VAL A 109 -11.23 1.11 20.41
C VAL A 109 -11.95 1.64 19.18
N GLU A 110 -11.93 2.96 19.02
CA GLU A 110 -12.51 3.62 17.87
C GLU A 110 -12.07 2.96 16.56
N LEU A 111 -10.77 2.67 16.45
CA LEU A 111 -10.20 2.04 15.27
C LEU A 111 -10.69 0.61 15.09
N GLU A 112 -10.73 -0.13 16.18
CA GLU A 112 -11.15 -1.52 16.14
C GLU A 112 -12.61 -1.58 15.71
N ASN A 113 -13.38 -0.59 16.17
CA ASN A 113 -14.77 -0.47 15.76
C ASN A 113 -14.93 -0.06 14.30
N TYR A 114 -13.92 0.64 13.77
CA TYR A 114 -13.91 1.01 12.36
C TYR A 114 -13.70 -0.20 11.46
N GLY A 115 -12.95 -1.19 11.96
CA GLY A 115 -12.74 -2.44 11.23
C GLY A 115 -11.34 -3.01 11.28
N MET A 116 -10.42 -2.30 11.92
CA MET A 116 -9.01 -2.73 12.00
C MET A 116 -8.93 -4.17 12.48
N PRO A 117 -8.19 -5.03 11.74
CA PRO A 117 -8.17 -6.45 12.07
C PRO A 117 -7.06 -6.81 13.06
N PHE A 118 -7.15 -6.25 14.27
CA PHE A 118 -6.18 -6.55 15.33
C PHE A 118 -6.06 -8.05 15.58
N SER A 119 -4.85 -8.50 15.90
CA SER A 119 -4.64 -9.87 16.38
C SER A 119 -5.40 -10.05 17.69
N ARG A 120 -5.80 -11.28 17.98
CA ARG A 120 -6.69 -11.53 19.12
C ARG A 120 -6.11 -12.44 20.20
N THR A 121 -6.74 -12.41 21.37
CA THR A 121 -6.27 -13.13 22.55
C THR A 121 -7.17 -14.31 22.89
N GLU A 122 -6.78 -15.01 23.95
CA GLU A 122 -7.60 -16.04 24.61
C GLU A 122 -9.05 -15.57 24.77
N ASP A 123 -9.21 -14.33 25.23
CA ASP A 123 -10.51 -13.73 25.55
C ASP A 123 -11.26 -13.19 24.33
N GLY A 124 -10.53 -13.01 23.23
CA GLY A 124 -11.12 -12.47 22.01
C GLY A 124 -10.99 -10.95 21.94
N LYS A 125 -10.24 -10.39 22.88
CA LYS A 125 -9.95 -8.97 22.92
C LYS A 125 -8.73 -8.66 22.06
N ILE A 126 -8.36 -7.37 21.97
CA ILE A 126 -7.18 -6.95 21.22
C ILE A 126 -5.90 -7.47 21.87
N TYR A 127 -5.05 -8.08 21.07
CA TYR A 127 -3.76 -8.58 21.54
C TYR A 127 -2.77 -7.45 21.72
N GLN A 128 -2.18 -7.39 22.91
CA GLN A 128 -1.20 -6.37 23.27
C GLN A 128 0.19 -6.97 23.45
N ARG A 129 1.20 -6.19 23.05
CA ARG A 129 2.57 -6.66 23.03
C ARG A 129 3.49 -5.89 23.97
N ALA A 130 4.44 -6.61 24.57
CA ALA A 130 5.54 -5.97 25.28
C ALA A 130 6.37 -5.17 24.29
N PHE A 131 6.87 -4.01 24.71
CA PHE A 131 7.55 -3.11 23.80
C PHE A 131 8.57 -2.27 24.56
N GLY A 132 9.53 -1.72 23.82
CA GLY A 132 10.65 -0.99 24.42
C GLY A 132 10.29 0.31 25.10
N GLY A 133 10.53 0.34 26.42
CA GLY A 133 10.40 1.57 27.22
C GLY A 133 9.30 1.58 28.27
N GLN A 134 8.43 0.57 28.22
CA GLN A 134 7.18 0.61 28.98
C GLN A 134 7.17 -0.27 30.23
N SER A 135 6.40 0.19 31.23
CA SER A 135 6.37 -0.41 32.56
C SER A 135 5.00 -0.32 33.24
N LEU A 136 4.82 -1.14 34.26
CA LEU A 136 3.63 -1.07 35.11
C LEU A 136 3.97 -0.32 36.39
N LYS A 137 2.94 0.15 37.09
CA LYS A 137 3.08 0.80 38.41
C LYS A 137 4.15 1.87 38.45
N PHE A 138 4.13 2.79 37.49
CA PHE A 138 5.08 3.89 37.40
C PHE A 138 6.54 3.42 37.58
N GLY A 139 7.00 2.55 36.68
CA GLY A 139 8.38 2.08 36.69
C GLY A 139 8.64 0.87 37.56
N LYS A 140 7.88 0.75 38.65
CA LYS A 140 8.12 -0.28 39.68
C LYS A 140 7.69 -1.70 39.28
N GLY A 141 6.58 -1.81 38.57
CA GLY A 141 5.88 -3.09 38.39
C GLY A 141 6.33 -4.02 37.28
N GLY A 142 7.47 -3.76 36.67
CA GLY A 142 8.02 -4.63 35.62
C GLY A 142 7.64 -4.24 34.20
N GLN A 143 7.64 -5.22 33.30
CA GLN A 143 7.40 -4.99 31.88
C GLN A 143 5.91 -4.88 31.54
N ALA A 144 5.57 -3.87 30.75
CA ALA A 144 4.19 -3.59 30.36
C ALA A 144 3.84 -4.19 29.00
N HIS A 145 2.61 -4.67 28.87
CA HIS A 145 2.14 -5.27 27.62
C HIS A 145 0.97 -4.44 27.07
N ARG A 146 1.27 -3.32 26.42
CA ARG A 146 0.22 -2.40 25.94
C ARG A 146 0.35 -1.97 24.47
N CYS A 147 1.09 -2.73 23.68
CA CYS A 147 1.25 -2.44 22.28
C CYS A 147 0.23 -3.24 21.48
N CYS A 148 -0.87 -2.58 21.10
CA CYS A 148 -1.91 -3.18 20.26
C CYS A 148 -1.39 -3.33 18.84
N CYS A 149 -1.65 -4.47 18.23
CA CYS A 149 -1.05 -4.76 16.94
C CYS A 149 -1.87 -5.67 16.03
N VAL A 150 -1.76 -5.42 14.74
CA VAL A 150 -2.25 -6.31 13.69
C VAL A 150 -1.17 -7.28 13.19
N ALA A 151 -0.73 -8.17 14.08
CA ALA A 151 0.43 -9.02 13.83
C ALA A 151 1.54 -8.00 13.52
N ASP A 152 2.34 -8.31 12.51
CA ASP A 152 3.48 -7.49 12.12
C ASP A 152 3.19 -6.23 11.29
N ARG A 153 1.94 -6.11 10.84
CA ARG A 153 1.56 -5.15 9.79
C ARG A 153 0.60 -4.08 10.28
N THR A 154 0.73 -3.68 11.54
CA THR A 154 -0.29 -2.83 12.17
C THR A 154 -0.48 -1.47 11.52
N GLY A 155 0.59 -0.86 11.03
CA GLY A 155 0.50 0.42 10.34
C GLY A 155 -0.28 0.31 9.06
N HIS A 156 0.06 -0.70 8.26
CA HIS A 156 -0.64 -1.03 7.02
C HIS A 156 -2.16 -1.08 7.23
N SER A 157 -2.59 -1.83 8.25
CA SER A 157 -4.00 -1.97 8.57
C SER A 157 -4.62 -0.69 9.09
N LEU A 158 -3.91 0.00 9.98
CA LEU A 158 -4.37 1.29 10.49
C LEU A 158 -4.67 2.24 9.33
N LEU A 159 -3.77 2.31 8.36
CA LEU A 159 -3.95 3.22 7.24
C LEU A 159 -5.11 2.81 6.34
N HIS A 160 -5.25 1.52 6.11
CA HIS A 160 -6.29 1.02 5.21
C HIS A 160 -7.67 1.17 5.77
N THR A 161 -7.85 0.86 7.06
CA THR A 161 -9.20 1.00 7.63
C THR A 161 -9.55 2.47 7.78
N LEU A 162 -8.56 3.32 8.05
CA LEU A 162 -8.76 4.78 8.07
C LEU A 162 -9.15 5.32 6.72
N TYR A 163 -8.43 4.93 5.67
CA TYR A 163 -8.80 5.30 4.32
C TYR A 163 -10.17 4.72 3.97
N GLY A 164 -10.37 3.45 4.29
CA GLY A 164 -11.66 2.81 4.08
C GLY A 164 -12.79 3.63 4.67
N ARG A 165 -12.60 4.07 5.91
CA ARG A 165 -13.62 4.80 6.66
C ARG A 165 -13.90 6.14 6.02
N SER A 166 -12.84 6.79 5.56
CA SER A 166 -12.90 8.15 5.05
C SER A 166 -13.76 8.29 3.80
N LEU A 167 -14.17 7.16 3.25
CA LEU A 167 -14.99 7.10 2.04
C LEU A 167 -16.47 7.34 2.33
N ARG A 168 -16.83 7.35 3.61
CA ARG A 168 -18.22 7.54 4.04
C ARG A 168 -18.66 9.00 4.06
N TYR A 169 -17.71 9.91 3.86
CA TYR A 169 -17.98 11.34 3.92
C TYR A 169 -17.55 12.03 2.65
N ASP A 170 -18.15 13.18 2.36
CA ASP A 170 -17.88 13.93 1.13
C ASP A 170 -16.63 14.83 1.17
N THR A 171 -15.56 14.34 1.80
CA THR A 171 -14.26 15.01 1.78
C THR A 171 -13.77 15.09 0.33
N SER A 172 -13.25 16.26 -0.06
CA SER A 172 -12.70 16.46 -1.40
C SER A 172 -11.20 16.14 -1.44
N TYR A 173 -10.85 15.00 -2.01
CA TYR A 173 -9.46 14.59 -2.09
C TYR A 173 -8.79 15.12 -3.35
N PHE A 174 -7.63 15.76 -3.16
CA PHE A 174 -6.77 16.15 -4.26
C PHE A 174 -5.60 15.16 -4.27
N VAL A 175 -5.79 14.04 -4.96
CA VAL A 175 -4.80 12.95 -4.99
C VAL A 175 -3.67 13.31 -5.94
N GLU A 176 -2.44 13.00 -5.52
CA GLU A 176 -1.23 13.34 -6.26
C GLU A 176 -1.20 14.82 -6.64
N TYR A 177 -1.31 15.66 -5.60
CA TYR A 177 -1.12 17.10 -5.68
C TYR A 177 -0.01 17.44 -4.70
N PHE A 178 1.04 18.09 -5.19
CA PHE A 178 2.17 18.45 -4.35
C PHE A 178 2.00 19.87 -3.85
N ALA A 179 1.62 20.01 -2.59
CA ALA A 179 1.51 21.31 -1.94
C ALA A 179 2.87 22.00 -1.94
N LEU A 180 2.89 23.25 -2.38
CA LEU A 180 4.12 24.03 -2.50
C LEU A 180 4.41 24.87 -1.26
N ASP A 181 3.55 25.85 -1.00
CA ASP A 181 3.68 26.74 0.16
C ASP A 181 2.33 26.96 0.83
N LEU A 182 2.38 27.53 2.03
CA LEU A 182 1.17 27.96 2.73
C LEU A 182 0.66 29.25 2.11
N LEU A 183 -0.65 29.43 2.08
CA LEU A 183 -1.21 30.71 1.66
C LEU A 183 -1.26 31.67 2.85
N MET A 184 -0.15 32.37 3.07
CA MET A 184 0.02 33.20 4.23
C MET A 184 -0.29 34.67 3.91
N GLU A 185 -1.01 35.33 4.82
CA GLU A 185 -1.33 36.76 4.69
C GLU A 185 -1.52 37.44 6.05
N ASN A 186 -0.57 38.32 6.38
CA ASN A 186 -0.55 39.07 7.65
C ASN A 186 -0.60 38.19 8.89
N GLY A 187 0.28 37.19 8.92
CA GLY A 187 0.39 36.30 10.07
C GLY A 187 -0.72 35.28 10.23
N GLU A 188 -1.65 35.24 9.26
CA GLU A 188 -2.75 34.27 9.30
C GLU A 188 -2.70 33.33 8.09
N CYS A 189 -3.05 32.06 8.33
CA CYS A 189 -3.05 31.09 7.26
C CYS A 189 -4.39 31.08 6.52
N ARG A 190 -4.31 31.07 5.19
CA ARG A 190 -5.50 31.17 4.35
C ARG A 190 -5.66 29.96 3.45
N GLY A 191 -4.68 29.06 3.47
CA GLY A 191 -4.76 27.83 2.68
C GLY A 191 -3.41 27.31 2.18
N VAL A 192 -3.43 26.70 1.00
CA VAL A 192 -2.23 26.18 0.36
C VAL A 192 -2.27 26.35 -1.15
N ILE A 193 -1.11 26.65 -1.72
CA ILE A 193 -0.93 26.64 -3.15
C ILE A 193 -0.28 25.31 -3.52
N ALA A 194 -0.85 24.61 -4.50
CA ALA A 194 -0.42 23.26 -4.84
C ALA A 194 -0.21 23.04 -6.34
N LEU A 195 0.79 22.23 -6.66
CA LEU A 195 0.97 21.75 -8.01
C LEU A 195 0.19 20.46 -8.19
N CYS A 196 -0.68 20.42 -9.19
CA CYS A 196 -1.31 19.19 -9.63
C CYS A 196 -0.29 18.42 -10.47
N ILE A 197 0.19 17.30 -9.95
CA ILE A 197 1.19 16.49 -10.65
C ILE A 197 0.69 15.99 -11.99
N GLU A 198 -0.62 15.70 -12.06
CA GLU A 198 -1.23 15.06 -13.24
C GLU A 198 -1.21 15.88 -14.54
N ASP A 199 -1.23 17.21 -14.44
CA ASP A 199 -1.22 18.06 -15.64
C ASP A 199 -0.40 19.34 -15.50
N GLY A 200 0.31 19.46 -14.38
CA GLY A 200 1.20 20.60 -14.17
C GLY A 200 0.53 21.89 -13.73
N SER A 201 -0.79 21.89 -13.64
CA SER A 201 -1.54 23.10 -13.28
C SER A 201 -1.35 23.49 -11.81
N ILE A 202 -1.63 24.76 -11.50
CA ILE A 202 -1.44 25.29 -10.16
C ILE A 202 -2.77 25.64 -9.49
N HIS A 203 -2.96 25.13 -8.28
CA HIS A 203 -4.22 25.27 -7.55
C HIS A 203 -4.08 25.98 -6.22
N ARG A 204 -4.74 27.13 -6.11
CA ARG A 204 -4.83 27.85 -4.85
C ARG A 204 -6.08 27.38 -4.09
N ILE A 205 -5.87 26.52 -3.12
CA ILE A 205 -6.97 25.99 -2.31
C ILE A 205 -7.04 26.78 -1.01
N ARG A 206 -8.04 27.64 -0.90
CA ARG A 206 -8.20 28.50 0.28
C ARG A 206 -9.20 27.97 1.31
N ALA A 207 -8.91 28.20 2.59
CA ALA A 207 -9.77 27.76 3.68
C ALA A 207 -9.61 28.62 4.93
N ARG A 208 -10.54 28.49 5.87
CA ARG A 208 -10.47 29.15 7.16
C ARG A 208 -9.41 28.49 8.05
N ASN A 209 -9.25 27.18 7.88
CA ASN A 209 -8.30 26.42 8.66
C ASN A 209 -7.49 25.50 7.78
N THR A 210 -6.21 25.36 8.12
CA THR A 210 -5.29 24.49 7.43
C THR A 210 -4.68 23.55 8.44
N VAL A 211 -4.61 22.26 8.08
CA VAL A 211 -3.99 21.27 8.96
C VAL A 211 -2.80 20.64 8.25
N VAL A 212 -1.59 20.98 8.70
CA VAL A 212 -0.37 20.41 8.13
C VAL A 212 -0.07 19.08 8.79
N ALA A 213 -0.23 17.99 8.04
CA ALA A 213 0.03 16.64 8.57
C ALA A 213 0.82 15.79 7.56
N THR A 214 2.01 16.28 7.24
CA THR A 214 2.83 15.77 6.12
C THR A 214 3.95 14.83 6.55
N GLY A 215 4.02 14.50 7.84
CA GLY A 215 5.01 13.57 8.33
C GLY A 215 6.44 14.11 8.32
N GLY A 216 7.39 13.20 8.54
CA GLY A 216 8.78 13.54 8.81
C GLY A 216 9.69 13.74 7.63
N TYR A 217 10.96 13.98 7.94
CA TYR A 217 11.98 14.32 6.95
C TYR A 217 13.16 13.34 7.00
N GLY A 218 12.85 12.06 7.22
CA GLY A 218 13.88 11.03 7.29
C GLY A 218 14.90 11.03 6.16
N ARG A 219 14.50 11.55 4.99
CA ARG A 219 15.36 11.54 3.78
C ARG A 219 16.43 12.64 3.73
N THR A 220 16.73 13.25 4.87
CA THR A 220 17.86 14.18 4.97
C THR A 220 19.16 13.41 5.16
N TYR A 221 19.03 12.11 5.45
CA TYR A 221 20.17 11.24 5.71
C TYR A 221 20.42 10.24 4.59
N PHE A 222 21.60 9.62 4.60
CA PHE A 222 21.97 8.62 3.59
C PHE A 222 21.32 7.25 3.87
N SER A 223 21.07 6.95 5.14
CA SER A 223 20.48 5.67 5.53
C SER A 223 19.35 5.83 6.55
N CYS A 224 18.15 5.37 6.17
CA CYS A 224 16.95 5.55 7.00
C CYS A 224 15.84 4.54 6.68
N THR A 225 14.98 4.27 7.67
CA THR A 225 13.85 3.33 7.51
C THR A 225 12.72 3.94 6.68
N SER A 226 12.69 5.27 6.65
CA SER A 226 11.62 6.04 6.04
C SER A 226 11.58 5.94 4.50
N ALA A 227 10.45 6.33 3.94
CA ALA A 227 10.18 6.26 2.50
C ALA A 227 10.97 7.30 1.70
N HIS A 228 10.99 7.13 0.37
CA HIS A 228 11.58 8.12 -0.53
C HIS A 228 10.81 9.45 -0.51
N THR A 229 9.60 9.42 0.05
CA THR A 229 8.69 10.57 0.09
C THR A 229 8.60 11.27 1.46
N SER A 230 9.37 10.77 2.43
CA SER A 230 9.53 11.42 3.73
C SER A 230 10.55 12.54 3.55
N THR A 231 10.09 13.68 3.05
CA THR A 231 10.98 14.79 2.64
C THR A 231 10.68 16.11 3.35
N GLY A 232 9.91 16.05 4.42
CA GLY A 232 9.64 17.20 5.29
C GLY A 232 9.05 18.40 4.60
N ASP A 233 8.06 18.15 3.75
CA ASP A 233 7.47 19.18 2.91
C ASP A 233 6.65 20.22 3.67
N GLY A 234 6.02 19.79 4.77
CA GLY A 234 5.26 20.70 5.63
C GLY A 234 6.16 21.61 6.46
N THR A 235 7.25 21.03 6.96
CA THR A 235 8.22 21.76 7.76
C THR A 235 8.81 22.90 6.95
N ALA A 236 9.19 22.59 5.71
CA ALA A 236 9.75 23.56 4.79
C ALA A 236 8.76 24.67 4.46
N MET A 237 7.48 24.31 4.32
CA MET A 237 6.40 25.27 4.11
C MET A 237 6.30 26.26 5.27
N VAL A 238 6.35 25.72 6.49
CA VAL A 238 6.32 26.52 7.70
C VAL A 238 7.56 27.42 7.80
N THR A 239 8.72 26.86 7.46
CA THR A 239 9.95 27.63 7.52
C THR A 239 9.93 28.82 6.56
N ARG A 240 9.49 28.58 5.33
CA ARG A 240 9.41 29.64 4.31
C ARG A 240 8.34 30.68 4.65
N ALA A 241 7.47 30.36 5.61
CA ALA A 241 6.48 31.31 6.10
C ALA A 241 7.07 32.19 7.20
N GLY A 242 8.30 31.86 7.61
CA GLY A 242 9.00 32.61 8.65
C GLY A 242 8.60 32.16 10.04
N LEU A 243 7.83 31.08 10.09
CA LEU A 243 7.38 30.47 11.35
C LEU A 243 8.43 29.50 11.87
N PRO A 244 8.54 29.38 13.19
CA PRO A 244 9.59 28.55 13.77
C PRO A 244 9.28 27.06 13.68
N CYS A 245 10.33 26.25 13.69
CA CYS A 245 10.21 24.81 13.93
C CYS A 245 10.81 24.49 15.30
N GLN A 246 10.58 23.27 15.77
CA GLN A 246 10.97 22.91 17.12
C GLN A 246 11.74 21.59 17.17
N ASP A 247 12.70 21.52 18.09
CA ASP A 247 13.45 20.28 18.41
C ASP A 247 13.96 19.49 17.19
N LEU A 248 14.29 20.19 16.12
CA LEU A 248 14.66 19.55 14.86
C LEU A 248 15.95 18.74 14.92
N GLU A 249 16.80 19.03 15.90
CA GLU A 249 18.03 18.27 16.11
C GLU A 249 17.77 16.88 16.67
N PHE A 250 16.59 16.69 17.24
CA PHE A 250 16.22 15.40 17.83
C PHE A 250 15.73 14.43 16.76
N VAL A 251 16.65 13.57 16.31
CA VAL A 251 16.40 12.59 15.26
C VAL A 251 16.59 11.18 15.84
N GLN A 252 15.51 10.39 15.84
CA GLN A 252 15.56 9.04 16.40
C GLN A 252 16.24 8.02 15.49
N PHE A 253 17.27 7.39 16.03
CA PHE A 253 17.90 6.24 15.40
C PHE A 253 17.26 4.98 15.95
N HIS A 254 16.46 4.32 15.13
CA HIS A 254 15.89 3.02 15.50
C HIS A 254 17.01 1.99 15.55
N PRO A 255 17.04 1.19 16.62
CA PRO A 255 18.13 0.25 16.83
C PRO A 255 18.25 -0.81 15.73
N THR A 256 17.12 -1.36 15.29
CA THR A 256 17.11 -2.50 14.35
C THR A 256 16.58 -2.18 12.95
N GLY A 257 17.42 -1.55 12.14
CA GLY A 257 17.18 -1.44 10.71
C GLY A 257 18.08 -2.45 10.02
N ILE A 258 17.59 -3.05 8.93
CA ILE A 258 18.36 -4.08 8.21
C ILE A 258 19.66 -3.50 7.62
N TYR A 259 20.70 -4.32 7.55
CA TYR A 259 22.02 -3.87 7.13
C TYR A 259 22.04 -3.41 5.66
N GLY A 260 21.40 -4.18 4.78
CA GLY A 260 21.31 -3.85 3.36
C GLY A 260 20.62 -2.52 3.04
N ALA A 261 19.35 -2.59 2.65
CA ALA A 261 18.60 -1.40 2.20
C ALA A 261 18.09 -0.50 3.34
N GLY A 262 18.40 -0.88 4.57
CA GLY A 262 18.05 -0.09 5.74
C GLY A 262 16.58 -0.14 6.09
N CYS A 263 15.92 -1.23 5.74
CA CYS A 263 14.50 -1.42 6.04
C CYS A 263 14.29 -1.64 7.52
N LEU A 264 13.13 -1.22 8.03
CA LEU A 264 12.84 -1.38 9.44
C LEU A 264 12.48 -2.82 9.78
N ILE A 265 13.17 -3.36 10.78
CA ILE A 265 12.72 -4.59 11.44
C ILE A 265 12.21 -4.23 12.84
N THR A 266 10.92 -4.44 13.05
CA THR A 266 10.20 -3.96 14.23
C THR A 266 10.85 -4.24 15.59
N GLU A 267 10.65 -3.29 16.51
CA GLU A 267 11.00 -3.44 17.91
C GLU A 267 10.15 -4.56 18.54
N GLY A 268 9.06 -4.92 17.85
CA GLY A 268 8.20 -6.03 18.25
C GLY A 268 8.93 -7.36 18.33
N CYS A 269 9.99 -7.52 17.54
CA CYS A 269 10.86 -8.69 17.60
C CYS A 269 11.43 -8.84 19.00
N ARG A 270 11.98 -7.74 19.53
CA ARG A 270 12.55 -7.69 20.88
C ARG A 270 11.48 -7.84 21.95
N GLY A 271 10.30 -7.29 21.69
CA GLY A 271 9.16 -7.39 22.60
C GLY A 271 8.56 -8.78 22.71
N GLU A 272 8.74 -9.59 21.66
CA GLU A 272 8.27 -10.97 21.67
C GLU A 272 9.30 -11.90 22.32
N GLY A 273 10.57 -11.47 22.34
CA GLY A 273 11.64 -12.24 22.98
C GLY A 273 12.94 -12.30 22.19
N GLY A 274 13.03 -11.51 21.13
CA GLY A 274 14.22 -11.44 20.29
C GLY A 274 15.35 -10.69 20.97
N ILE A 275 16.58 -11.10 20.66
CA ILE A 275 17.78 -10.64 21.39
C ILE A 275 18.83 -10.01 20.47
N LEU A 276 19.56 -9.01 21.00
CA LEU A 276 20.65 -8.38 20.27
C LEU A 276 22.00 -8.96 20.67
N ILE A 277 22.80 -9.33 19.66
CA ILE A 277 24.05 -10.09 19.83
C ILE A 277 25.27 -9.41 19.17
N ASN A 278 26.40 -9.42 19.88
CA ASN A 278 27.69 -8.99 19.32
C ASN A 278 28.52 -10.17 18.79
N SER A 279 29.70 -9.88 18.25
CA SER A 279 30.55 -10.92 17.64
C SER A 279 31.07 -11.97 18.63
N GLN A 280 30.73 -11.83 19.90
CA GLN A 280 31.18 -12.75 20.95
C GLN A 280 30.10 -13.77 21.33
N GLY A 281 28.84 -13.43 21.08
CA GLY A 281 27.71 -14.31 21.41
C GLY A 281 26.93 -13.86 22.63
N GLU A 282 27.53 -12.98 23.44
CA GLU A 282 26.91 -12.44 24.64
C GLU A 282 25.75 -11.52 24.27
N ARG A 283 24.65 -11.63 25.03
CA ARG A 283 23.53 -10.69 24.95
C ARG A 283 24.01 -9.35 25.51
N PHE A 284 24.58 -8.52 24.64
CA PHE A 284 25.33 -7.33 25.06
C PHE A 284 24.50 -6.25 25.77
N MET A 285 23.19 -6.25 25.53
CA MET A 285 22.28 -5.29 26.18
C MET A 285 22.06 -5.56 27.67
N GLU A 286 22.63 -6.66 28.17
CA GLU A 286 22.60 -6.97 29.59
C GLU A 286 23.72 -6.22 30.31
N ARG A 287 24.71 -5.78 29.51
CA ARG A 287 25.90 -5.04 29.97
C ARG A 287 25.64 -3.52 30.01
N TYR A 288 24.63 -3.08 29.25
CA TYR A 288 24.29 -1.65 29.15
C TYR A 288 23.04 -1.26 29.96
N ALA A 289 22.07 -2.16 30.03
CA ALA A 289 20.89 -1.97 30.86
C ALA A 289 20.61 -3.25 31.64
N PRO A 290 20.81 -3.22 32.97
CA PRO A 290 20.60 -4.42 33.76
C PRO A 290 19.13 -4.83 33.85
N VAL A 291 18.25 -3.85 34.02
CA VAL A 291 16.82 -4.09 34.28
C VAL A 291 16.05 -4.39 32.99
N ALA A 292 16.06 -3.45 32.04
CA ALA A 292 15.23 -3.54 30.84
C ALA A 292 15.88 -4.31 29.68
N LYS A 293 17.21 -4.44 29.73
CA LYS A 293 17.99 -5.17 28.73
C LYS A 293 17.79 -4.62 27.31
N ASP A 294 17.57 -5.51 26.33
CA ASP A 294 17.31 -5.08 24.94
C ASP A 294 15.88 -4.54 24.71
N LEU A 295 15.19 -4.20 25.80
CA LEU A 295 13.85 -3.62 25.73
C LEU A 295 13.84 -2.21 26.36
N ALA A 296 14.99 -1.56 26.30
CA ALA A 296 15.18 -0.22 26.84
C ALA A 296 14.77 0.86 25.84
N SER A 297 15.07 2.12 26.16
CA SER A 297 14.82 3.25 25.27
C SER A 297 15.56 3.11 23.95
N ARG A 298 14.97 3.67 22.90
CA ARG A 298 15.53 3.55 21.56
C ARG A 298 16.86 4.26 21.42
N ASP A 299 17.04 5.36 22.14
CA ASP A 299 18.31 6.07 22.16
C ASP A 299 19.38 5.28 22.93
N VAL A 300 18.97 4.68 24.05
CA VAL A 300 19.86 3.89 24.90
C VAL A 300 20.34 2.65 24.16
N VAL A 301 19.41 1.95 23.51
CA VAL A 301 19.72 0.71 22.79
C VAL A 301 20.59 0.96 21.55
N SER A 302 20.15 1.84 20.66
CA SER A 302 20.89 2.11 19.43
C SER A 302 22.28 2.72 19.66
N ARG A 303 22.43 3.54 20.71
CA ARG A 303 23.74 4.10 21.07
C ARG A 303 24.69 3.05 21.67
N SER A 304 24.12 2.05 22.35
CA SER A 304 24.88 0.91 22.85
C SER A 304 25.41 0.08 21.69
N MET A 305 24.59 -0.06 20.65
CA MET A 305 24.97 -0.77 19.42
C MET A 305 26.13 -0.05 18.73
N THR A 306 25.94 1.24 18.45
CA THR A 306 26.94 2.08 17.78
C THR A 306 28.29 2.05 18.53
N LEU A 307 28.21 1.81 19.83
CA LEU A 307 29.38 1.75 20.71
C LEU A 307 30.08 0.41 20.60
N GLU A 308 29.31 -0.66 20.54
CA GLU A 308 29.84 -2.03 20.40
C GLU A 308 30.64 -2.21 19.10
N ILE A 309 30.21 -1.52 18.05
CA ILE A 309 30.90 -1.52 16.75
C ILE A 309 32.29 -0.90 16.85
N ARG A 310 32.37 0.26 17.51
CA ARG A 310 33.62 0.98 17.71
C ARG A 310 34.70 0.13 18.36
N GLU A 311 34.32 -0.64 19.38
CA GLU A 311 35.25 -1.44 20.16
C GLU A 311 35.94 -2.54 19.33
N GLY A 312 35.34 -2.86 18.18
CA GLY A 312 35.86 -3.88 17.29
C GLY A 312 34.91 -5.06 17.15
N ARG A 313 33.78 -4.98 17.86
CA ARG A 313 32.80 -6.05 17.90
C ARG A 313 31.69 -5.90 16.85
N GLY A 314 32.08 -5.61 15.62
CA GLY A 314 31.16 -5.66 14.48
C GLY A 314 30.89 -7.10 14.11
N CYS A 315 30.11 -7.34 13.05
CA CYS A 315 29.73 -8.72 12.72
C CYS A 315 29.94 -9.17 11.27
N GLY A 316 29.79 -8.25 10.32
CA GLY A 316 29.96 -8.59 8.92
C GLY A 316 31.41 -8.82 8.51
N PRO A 317 31.65 -9.13 7.22
CA PRO A 317 33.01 -9.20 6.67
C PRO A 317 33.77 -7.88 6.80
N GLU A 318 33.05 -6.78 7.05
CA GLU A 318 33.68 -5.48 7.31
C GLU A 318 33.48 -5.04 8.76
N LYS A 319 32.82 -5.89 9.56
CA LYS A 319 32.58 -5.65 11.00
C LYS A 319 31.97 -4.27 11.29
N ASP A 320 30.74 -4.07 10.82
CA ASP A 320 30.07 -2.76 10.92
C ASP A 320 28.64 -2.84 11.45
N HIS A 321 28.11 -4.06 11.58
CA HIS A 321 26.75 -4.25 12.10
C HIS A 321 26.68 -5.16 13.33
N VAL A 322 25.46 -5.57 13.69
CA VAL A 322 25.18 -6.39 14.87
C VAL A 322 23.99 -7.30 14.56
N TYR A 323 23.95 -8.48 15.18
CA TYR A 323 22.87 -9.45 14.93
C TYR A 323 21.63 -9.28 15.82
N LEU A 324 20.46 -9.43 15.20
CA LEU A 324 19.19 -9.59 15.91
C LEU A 324 18.82 -11.06 15.84
N GLN A 325 18.95 -11.76 16.97
CA GLN A 325 18.68 -13.19 17.04
C GLN A 325 17.20 -13.47 17.28
N LEU A 326 16.64 -14.37 16.48
CA LEU A 326 15.23 -14.74 16.61
C LEU A 326 14.98 -16.25 16.69
N HIS A 327 15.90 -17.03 16.12
CA HIS A 327 15.73 -18.47 15.95
C HIS A 327 15.54 -19.30 17.24
N HIS A 328 15.54 -18.65 18.40
CA HIS A 328 15.30 -19.36 19.67
C HIS A 328 13.81 -19.36 20.08
N LEU A 329 13.03 -18.43 19.52
CA LEU A 329 11.58 -18.42 19.73
C LEU A 329 10.90 -19.49 18.87
N PRO A 330 9.85 -20.15 19.42
CA PRO A 330 9.12 -21.17 18.67
C PRO A 330 8.69 -20.70 17.28
N PRO A 331 8.82 -21.57 16.26
CA PRO A 331 8.48 -21.22 14.87
C PRO A 331 7.04 -20.69 14.71
N GLU A 332 6.11 -21.32 15.44
CA GLU A 332 4.69 -20.93 15.40
C GLU A 332 4.44 -19.52 15.93
N GLN A 333 5.28 -19.08 16.86
CA GLN A 333 5.21 -17.73 17.38
C GLN A 333 5.64 -16.74 16.32
N LEU A 334 6.78 -17.02 15.67
CA LEU A 334 7.31 -16.16 14.61
C LEU A 334 6.33 -15.99 13.45
N ALA A 335 5.59 -17.05 13.12
CA ALA A 335 4.62 -17.02 12.04
C ALA A 335 3.38 -16.16 12.36
N VAL A 336 2.85 -16.29 13.57
CA VAL A 336 1.67 -15.53 13.98
C VAL A 336 2.00 -14.07 14.30
N ARG A 337 3.15 -13.86 14.95
CA ARG A 337 3.51 -12.53 15.46
C ARG A 337 4.24 -11.65 14.45
N LEU A 338 5.21 -12.23 13.75
CA LEU A 338 6.12 -11.45 12.89
C LEU A 338 6.30 -11.99 11.46
N PRO A 339 5.20 -12.20 10.71
CA PRO A 339 5.37 -12.76 9.36
C PRO A 339 5.91 -11.75 8.35
N GLY A 340 5.72 -10.46 8.64
CA GLY A 340 6.12 -9.38 7.74
C GLY A 340 7.62 -9.10 7.73
N ILE A 341 8.26 -9.27 8.88
CA ILE A 341 9.71 -9.16 8.93
C ILE A 341 10.34 -10.49 8.56
N SER A 342 9.58 -11.58 8.75
CA SER A 342 10.01 -12.90 8.30
C SER A 342 10.21 -12.86 6.78
N GLU A 343 9.32 -12.16 6.11
CA GLU A 343 9.41 -11.95 4.67
C GLU A 343 10.58 -11.05 4.25
N THR A 344 10.64 -9.85 4.81
CA THR A 344 11.65 -8.86 4.36
C THR A 344 13.09 -9.20 4.78
N ALA A 345 13.24 -10.04 5.81
CA ALA A 345 14.58 -10.52 6.19
C ALA A 345 15.10 -11.51 5.16
N MET A 346 14.18 -12.32 4.63
CA MET A 346 14.49 -13.24 3.54
C MET A 346 14.71 -12.47 2.24
N ILE A 347 13.79 -11.56 1.93
CA ILE A 347 13.83 -10.79 0.68
C ILE A 347 15.08 -9.89 0.55
N PHE A 348 15.42 -9.19 1.63
CA PHE A 348 16.47 -8.17 1.58
C PHE A 348 17.83 -8.61 2.11
N ALA A 349 17.85 -9.58 3.01
CA ALA A 349 19.10 -10.05 3.59
C ALA A 349 19.35 -11.53 3.34
N GLY A 350 18.41 -12.18 2.64
CA GLY A 350 18.51 -13.61 2.32
C GLY A 350 18.52 -14.48 3.57
N VAL A 351 17.82 -14.02 4.60
CA VAL A 351 17.89 -14.63 5.93
C VAL A 351 16.61 -15.36 6.32
N ASP A 352 16.75 -16.66 6.60
CA ASP A 352 15.69 -17.40 7.26
C ASP A 352 15.73 -17.04 8.74
N VAL A 353 14.70 -16.33 9.19
CA VAL A 353 14.61 -15.91 10.58
C VAL A 353 14.55 -17.10 11.56
N THR A 354 13.91 -18.18 11.12
CA THR A 354 13.70 -19.36 11.94
C THR A 354 15.00 -20.13 12.22
N LYS A 355 16.03 -19.84 11.43
CA LYS A 355 17.33 -20.52 11.52
C LYS A 355 18.47 -19.58 11.89
N GLU A 356 18.53 -18.40 11.26
CA GLU A 356 19.65 -17.46 11.41
C GLU A 356 19.22 -16.07 11.96
N PRO A 357 20.19 -15.28 12.48
CA PRO A 357 19.89 -13.92 12.94
C PRO A 357 19.93 -12.87 11.82
N ILE A 358 19.17 -11.79 12.00
CA ILE A 358 19.16 -10.69 11.03
C ILE A 358 20.30 -9.72 11.30
N PRO A 359 21.01 -9.29 10.23
CA PRO A 359 22.00 -8.21 10.39
C PRO A 359 21.29 -6.86 10.59
N VAL A 360 21.41 -6.30 11.79
CA VAL A 360 20.76 -5.03 12.12
C VAL A 360 21.74 -3.90 12.42
N LEU A 361 21.24 -2.67 12.37
CA LEU A 361 22.04 -1.48 12.50
C LEU A 361 21.16 -0.28 12.88
N PRO A 362 21.65 0.59 13.78
CA PRO A 362 20.94 1.83 14.06
C PRO A 362 20.84 2.71 12.82
N THR A 363 19.63 3.03 12.40
CA THR A 363 19.41 3.92 11.26
C THR A 363 18.29 4.91 11.53
N VAL A 364 18.42 6.11 10.96
CA VAL A 364 17.42 7.18 11.09
C VAL A 364 16.00 6.67 10.84
N HIS A 365 15.05 7.14 11.66
CA HIS A 365 13.73 6.52 11.69
C HIS A 365 12.57 7.50 11.89
N TYR A 366 12.62 8.24 12.99
CA TYR A 366 11.53 9.12 13.38
C TYR A 366 12.03 10.52 13.73
N ASN A 367 11.27 11.54 13.34
CA ASN A 367 11.55 12.93 13.69
C ASN A 367 10.62 13.48 14.77
N MET A 368 11.14 13.53 16.01
CA MET A 368 10.39 14.10 17.14
C MET A 368 10.20 15.60 17.01
N GLY A 369 11.16 16.25 16.35
CA GLY A 369 11.02 17.64 15.97
C GLY A 369 9.88 17.86 14.99
N GLY A 370 9.58 19.13 14.74
CA GLY A 370 8.55 19.53 13.78
C GLY A 370 7.94 20.87 14.08
N ILE A 371 6.69 21.04 13.65
CA ILE A 371 5.97 22.30 13.82
C ILE A 371 5.41 22.42 15.25
N PRO A 372 5.82 23.47 15.99
CA PRO A 372 5.40 23.71 17.39
C PRO A 372 3.88 23.72 17.54
N THR A 373 3.39 23.05 18.58
CA THR A 373 1.96 22.78 18.68
C THR A 373 1.39 22.70 20.09
N ASN A 374 0.18 23.22 20.23
CA ASN A 374 -0.72 23.01 21.37
C ASN A 374 -1.06 21.55 21.60
N TYR A 375 -1.53 21.23 22.80
CA TYR A 375 -2.21 19.94 22.97
C TYR A 375 -3.48 19.91 22.12
N LYS A 376 -3.99 21.09 21.75
CA LYS A 376 -5.15 21.22 20.86
C LYS A 376 -4.76 21.11 19.40
N GLY A 377 -3.46 21.05 19.14
CA GLY A 377 -2.96 20.91 17.79
C GLY A 377 -2.90 22.21 17.01
N GLN A 378 -2.65 23.31 17.70
CA GLN A 378 -2.56 24.63 17.06
C GLN A 378 -1.11 25.07 16.94
N VAL A 379 -0.76 25.59 15.76
CA VAL A 379 0.61 25.97 15.46
C VAL A 379 1.02 27.23 16.21
N LEU A 380 2.14 27.13 16.93
CA LEU A 380 2.59 28.23 17.77
C LEU A 380 3.77 28.97 17.16
N ARG A 381 3.67 30.29 17.12
CA ARG A 381 4.81 31.15 16.83
C ARG A 381 5.34 31.69 18.16
N HIS A 382 6.56 32.22 18.15
CA HIS A 382 7.17 32.71 19.38
C HIS A 382 7.37 34.22 19.38
N VAL A 383 6.52 34.93 20.11
CA VAL A 383 6.58 36.38 20.19
C VAL A 383 6.95 36.83 21.61
N ASN A 384 8.02 37.60 21.71
CA ASN A 384 8.47 38.18 22.97
C ASN A 384 8.64 37.15 24.10
N GLY A 385 9.28 36.03 23.78
CA GLY A 385 9.50 34.95 24.72
C GLY A 385 8.22 34.29 25.22
N GLN A 386 7.12 34.53 24.51
CA GLN A 386 5.82 33.96 24.88
C GLN A 386 5.17 33.22 23.72
N ASP A 387 4.39 32.20 24.04
CA ASP A 387 3.70 31.42 23.03
C ASP A 387 2.49 32.16 22.45
N GLN A 388 2.27 32.01 21.15
CA GLN A 388 1.19 32.70 20.46
C GLN A 388 0.62 31.80 19.37
N VAL A 389 -0.71 31.73 19.29
CA VAL A 389 -1.37 30.85 18.33
C VAL A 389 -1.44 31.50 16.96
N VAL A 390 -0.95 30.79 15.94
CA VAL A 390 -1.07 31.21 14.56
C VAL A 390 -2.51 30.95 14.12
N PRO A 391 -3.26 32.01 13.76
CA PRO A 391 -4.66 31.87 13.39
C PRO A 391 -4.84 31.00 12.14
N GLY A 392 -5.72 30.01 12.26
CA GLY A 392 -6.09 29.14 11.14
C GLY A 392 -5.03 28.16 10.68
N LEU A 393 -4.14 27.77 11.58
CA LEU A 393 -3.07 26.83 11.25
C LEU A 393 -2.91 25.73 12.29
N TYR A 394 -3.03 24.49 11.84
CA TYR A 394 -2.93 23.34 12.71
C TYR A 394 -1.93 22.38 12.12
N ALA A 395 -1.33 21.55 12.99
CA ALA A 395 -0.39 20.53 12.55
C ALA A 395 -0.51 19.29 13.43
N CYS A 396 -0.46 18.11 12.82
CA CYS A 396 -0.46 16.84 13.59
C CYS A 396 0.41 15.74 12.96
N GLY A 397 0.65 14.68 13.72
CA GLY A 397 1.51 13.58 13.27
C GLY A 397 3.00 13.88 13.39
N GLU A 398 3.81 13.20 12.60
CA GLU A 398 5.27 13.30 12.67
C GLU A 398 5.77 14.69 12.21
N ALA A 399 4.98 15.32 11.35
CA ALA A 399 5.23 16.69 10.92
C ALA A 399 5.19 17.65 12.10
N ALA A 400 4.33 17.34 13.07
CA ALA A 400 4.14 18.21 14.23
C ALA A 400 5.14 17.94 15.33
N CYS A 401 5.07 18.80 16.35
CA CYS A 401 5.81 18.66 17.57
C CYS A 401 4.98 19.37 18.63
N ALA A 402 3.99 18.67 19.16
CA ALA A 402 3.32 19.09 20.38
C ALA A 402 4.29 18.78 21.52
N SER A 403 5.47 18.31 21.11
CA SER A 403 6.36 17.45 21.90
C SER A 403 5.61 16.58 22.89
N VAL A 404 5.02 15.54 22.33
CA VAL A 404 4.46 14.47 23.10
C VAL A 404 5.59 13.44 23.29
N HIS A 405 6.64 13.55 22.46
CA HIS A 405 7.77 12.62 22.47
C HIS A 405 9.05 13.19 23.07
N GLY A 406 9.18 14.53 23.03
CA GLY A 406 10.36 15.21 23.56
C GLY A 406 11.68 14.82 22.91
N ALA A 407 12.63 14.40 23.73
CA ALA A 407 13.99 14.08 23.29
C ALA A 407 14.15 12.64 22.76
N ASN A 408 13.21 11.77 23.11
CA ASN A 408 13.19 10.39 22.63
C ASN A 408 11.77 9.84 22.60
N ARG A 409 11.34 9.42 21.41
CA ARG A 409 10.00 8.86 21.24
C ARG A 409 9.93 7.42 21.71
N LEU A 410 8.84 7.08 22.39
CA LEU A 410 8.59 5.73 22.84
C LEU A 410 8.04 4.87 21.69
N GLY A 411 8.53 3.64 21.58
CA GLY A 411 8.07 2.74 20.52
C GLY A 411 6.58 2.51 20.55
N ALA A 412 5.95 2.61 19.37
CA ALA A 412 4.52 2.40 19.20
C ALA A 412 3.66 3.53 19.77
N ASN A 413 4.26 4.71 19.89
CA ASN A 413 3.54 5.90 20.34
C ASN A 413 3.16 6.83 19.21
N SER A 414 3.83 6.73 18.07
CA SER A 414 3.54 7.63 16.96
C SER A 414 2.22 7.33 16.25
N LEU A 415 1.93 6.04 16.06
CA LEU A 415 0.63 5.66 15.51
C LEU A 415 -0.49 6.15 16.42
N LEU A 416 -0.19 6.17 17.72
CA LEU A 416 -1.08 6.79 18.70
C LEU A 416 -1.18 8.29 18.46
N ASP A 417 -0.02 8.95 18.49
CA ASP A 417 0.12 10.37 18.18
C ASP A 417 -0.80 10.75 17.01
N LEU A 418 -0.72 9.96 15.93
CA LEU A 418 -1.50 10.18 14.71
C LEU A 418 -2.99 10.31 14.98
N VAL A 419 -3.57 9.20 15.45
CA VAL A 419 -5.01 9.06 15.66
C VAL A 419 -5.53 10.03 16.72
N VAL A 420 -4.77 10.24 17.78
CA VAL A 420 -5.19 11.12 18.86
C VAL A 420 -5.23 12.57 18.41
N PHE A 421 -4.14 13.04 17.82
CA PHE A 421 -4.00 14.46 17.47
C PHE A 421 -4.62 14.83 16.13
N GLY A 422 -4.77 13.83 15.26
CA GLY A 422 -5.58 14.01 14.06
C GLY A 422 -6.99 14.38 14.52
N ARG A 423 -7.53 13.55 15.42
CA ARG A 423 -8.83 13.80 16.04
C ARG A 423 -8.89 15.17 16.70
N ALA A 424 -7.82 15.52 17.42
CA ALA A 424 -7.76 16.76 18.19
C ALA A 424 -7.88 18.00 17.30
N CYS A 425 -7.14 17.98 16.19
CA CYS A 425 -7.16 19.09 15.24
C CYS A 425 -8.58 19.38 14.77
N ALA A 426 -9.31 18.33 14.39
CA ALA A 426 -10.69 18.48 13.95
C ALA A 426 -11.55 19.10 15.04
N LEU A 427 -11.40 18.59 16.27
CA LEU A 427 -12.18 19.06 17.41
C LEU A 427 -11.90 20.52 17.76
N SER A 428 -10.62 20.90 17.71
CA SER A 428 -10.22 22.29 17.95
C SER A 428 -10.85 23.25 16.96
N ILE A 429 -11.02 22.78 15.72
CA ILE A 429 -11.69 23.55 14.68
C ILE A 429 -13.21 23.56 14.89
N ALA A 430 -13.80 22.36 14.96
CA ALA A 430 -15.24 22.18 15.16
C ALA A 430 -15.79 22.97 16.33
N GLU A 431 -14.96 23.14 17.34
CA GLU A 431 -15.39 23.80 18.58
C GLU A 431 -15.04 25.28 18.63
N SER A 432 -14.19 25.75 17.71
CA SER A 432 -13.84 27.17 17.66
C SER A 432 -14.69 27.95 16.65
N CYS A 433 -14.83 27.43 15.44
CA CYS A 433 -15.68 28.07 14.42
C CYS A 433 -16.74 27.12 13.84
N ARG A 434 -17.58 27.66 12.95
CA ARG A 434 -18.72 26.91 12.37
C ARG A 434 -18.54 26.67 10.86
N PRO A 435 -19.09 25.55 10.34
CA PRO A 435 -18.99 25.31 8.90
C PRO A 435 -19.89 26.27 8.15
N GLY A 436 -19.34 26.92 7.13
CA GLY A 436 -20.06 27.94 6.38
C GLY A 436 -19.75 29.34 6.86
N ASP A 437 -18.76 29.46 7.74
CA ASP A 437 -18.25 30.76 8.18
C ASP A 437 -17.46 31.42 7.05
N LYS A 438 -17.27 32.73 7.15
CA LYS A 438 -16.54 33.50 6.14
C LYS A 438 -15.14 32.93 5.90
N VAL A 439 -14.91 32.46 4.67
CA VAL A 439 -13.60 32.01 4.23
C VAL A 439 -12.83 33.22 3.74
N PRO A 440 -11.68 33.53 4.38
CA PRO A 440 -11.02 34.82 4.14
C PRO A 440 -10.42 34.91 2.74
N SER A 441 -10.69 36.00 2.04
CA SER A 441 -10.25 36.12 0.65
C SER A 441 -8.81 36.55 0.51
N ILE A 442 -8.04 35.70 -0.17
CA ILE A 442 -6.61 35.91 -0.43
C ILE A 442 -6.41 36.96 -1.53
N LYS A 443 -5.25 37.63 -1.48
CA LYS A 443 -4.90 38.67 -2.47
C LYS A 443 -4.82 38.10 -3.89
N PRO A 444 -5.23 38.90 -4.90
CA PRO A 444 -5.34 38.47 -6.30
C PRO A 444 -4.14 37.66 -6.81
N ASN A 445 -2.95 38.08 -6.45
CA ASN A 445 -1.72 37.46 -6.94
C ASN A 445 -0.88 36.84 -5.83
N ALA A 446 -1.55 36.33 -4.80
CA ALA A 446 -0.85 35.75 -3.65
C ALA A 446 -0.41 34.32 -3.94
N GLY A 447 0.74 33.95 -3.38
CA GLY A 447 1.37 32.67 -3.65
C GLY A 447 2.19 32.74 -4.92
N GLU A 448 2.52 33.96 -5.33
CA GLU A 448 3.24 34.25 -6.57
C GLU A 448 4.66 33.69 -6.56
N GLU A 449 5.39 33.94 -5.47
CA GLU A 449 6.78 33.53 -5.33
C GLU A 449 6.98 32.02 -5.33
N SER A 450 5.92 31.28 -5.01
CA SER A 450 5.94 29.82 -5.04
C SER A 450 5.93 29.33 -6.49
N VAL A 451 5.09 29.95 -7.30
CA VAL A 451 4.99 29.66 -8.73
C VAL A 451 6.30 30.01 -9.43
N MET A 452 6.83 31.21 -9.16
CA MET A 452 8.12 31.66 -9.72
C MET A 452 9.28 30.73 -9.36
N ASN A 453 9.23 30.16 -8.17
CA ASN A 453 10.20 29.17 -7.72
C ASN A 453 10.08 27.89 -8.56
N LEU A 454 8.84 27.51 -8.82
CA LEU A 454 8.50 26.34 -9.63
C LEU A 454 9.06 26.47 -11.03
N ASP A 455 8.94 27.67 -11.61
CA ASP A 455 9.34 27.95 -12.99
C ASP A 455 10.85 27.92 -13.16
N LYS A 456 11.56 28.49 -12.18
CA LYS A 456 13.01 28.55 -12.21
C LYS A 456 13.62 27.15 -12.04
N LEU A 457 12.98 26.32 -11.23
CA LEU A 457 13.41 24.93 -11.01
C LEU A 457 13.09 24.00 -12.19
N ARG A 458 12.15 24.43 -13.04
CA ARG A 458 11.71 23.66 -14.19
C ARG A 458 12.71 23.79 -15.34
N PHE A 459 13.43 24.91 -15.37
CA PHE A 459 14.38 25.22 -16.45
C PHE A 459 15.83 25.32 -15.96
N ALA A 460 16.08 24.91 -14.72
CA ALA A 460 17.40 25.00 -14.10
C ALA A 460 18.51 24.41 -14.97
N ASN A 461 19.36 25.30 -15.49
CA ASN A 461 20.41 24.94 -16.43
C ASN A 461 21.81 25.03 -15.83
N GLY A 462 21.93 24.62 -14.56
CA GLY A 462 23.17 24.75 -13.80
C GLY A 462 24.18 23.63 -13.97
N THR A 463 25.12 23.55 -13.03
CA THR A 463 26.26 22.62 -13.11
C THR A 463 26.12 21.34 -12.27
N ILE A 464 25.40 21.41 -11.15
CA ILE A 464 25.22 20.26 -10.26
C ILE A 464 23.80 19.74 -10.34
N ARG A 465 23.65 18.48 -10.74
CA ARG A 465 22.34 17.85 -10.94
C ARG A 465 21.65 17.44 -9.62
N THR A 466 20.32 17.48 -9.62
CA THR A 466 19.50 17.29 -8.39
C THR A 466 19.90 16.09 -7.55
N SER A 467 20.12 14.96 -8.19
CA SER A 467 20.48 13.74 -7.47
C SER A 467 21.81 13.84 -6.75
N GLU A 468 22.79 14.50 -7.40
CA GLU A 468 24.14 14.63 -6.86
C GLU A 468 24.22 15.51 -5.62
N LEU A 469 23.39 16.56 -5.58
CA LEU A 469 23.34 17.47 -4.44
C LEU A 469 22.64 16.84 -3.24
N ARG A 470 21.56 16.09 -3.53
CA ARG A 470 20.84 15.31 -2.53
C ARG A 470 21.78 14.33 -1.84
N LEU A 471 22.61 13.65 -2.63
CA LEU A 471 23.61 12.71 -2.12
C LEU A 471 24.62 13.40 -1.21
N SER A 472 25.12 14.56 -1.66
CA SER A 472 26.09 15.34 -0.88
C SER A 472 25.51 15.73 0.48
N MET A 473 24.22 16.03 0.49
CA MET A 473 23.51 16.40 1.71
C MET A 473 23.33 15.19 2.60
N GLN A 474 22.82 14.10 2.01
CA GLN A 474 22.51 12.88 2.74
C GLN A 474 23.73 12.25 3.41
N LYS A 475 24.87 12.24 2.71
CA LYS A 475 26.11 11.69 3.25
C LYS A 475 26.70 12.59 4.32
N SER A 476 26.52 13.91 4.15
CA SER A 476 27.06 14.89 5.08
C SER A 476 26.32 14.94 6.40
N MET A 477 24.99 14.75 6.35
CA MET A 477 24.20 14.64 7.56
C MET A 477 24.56 13.34 8.28
N GLN A 478 24.84 12.29 7.50
CA GLN A 478 25.08 10.94 8.03
C GLN A 478 26.35 10.84 8.86
N SER A 479 27.37 11.60 8.45
CA SER A 479 28.67 11.54 9.12
C SER A 479 28.86 12.64 10.18
N HIS A 480 28.05 13.69 10.10
CA HIS A 480 28.20 14.86 11.00
C HIS A 480 27.12 14.99 12.06
N ALA A 481 25.96 14.38 11.83
CA ALA A 481 24.86 14.41 12.78
C ALA A 481 24.36 13.00 13.06
N ALA A 482 25.28 12.10 13.40
CA ALA A 482 24.96 10.68 13.63
C ALA A 482 24.52 10.41 15.06
N VAL A 483 24.59 9.15 15.48
CA VAL A 483 24.19 8.72 16.83
C VAL A 483 24.97 9.51 17.89
N PHE A 484 26.30 9.53 17.75
CA PHE A 484 27.17 10.39 18.55
C PHE A 484 27.60 11.59 17.75
N ARG A 485 27.64 12.75 18.39
CA ARG A 485 28.10 13.98 17.74
C ARG A 485 28.95 14.85 18.65
N VAL A 486 29.99 15.43 18.08
CA VAL A 486 30.92 16.30 18.81
C VAL A 486 30.97 17.70 18.20
N GLY A 487 31.46 18.66 18.99
CA GLY A 487 31.56 20.07 18.57
C GLY A 487 32.24 20.29 17.23
N SER A 488 33.45 19.74 17.07
CA SER A 488 34.23 19.89 15.86
C SER A 488 33.46 19.40 14.62
N VAL A 489 33.09 18.12 14.65
CA VAL A 489 32.40 17.45 13.56
C VAL A 489 31.08 18.12 13.19
N LEU A 490 30.31 18.54 14.20
CA LEU A 490 29.06 19.26 13.99
C LEU A 490 29.26 20.60 13.27
N GLN A 491 30.30 21.34 13.68
CA GLN A 491 30.63 22.64 13.09
C GLN A 491 31.04 22.53 11.61
N GLU A 492 31.81 21.50 11.28
CA GLU A 492 32.21 21.24 9.90
C GLU A 492 30.99 20.82 9.08
N GLY A 493 30.09 20.07 9.71
CA GLY A 493 28.83 19.68 9.10
C GLY A 493 27.99 20.91 8.77
N CYS A 494 27.99 21.88 9.69
CA CYS A 494 27.18 23.09 9.57
C CYS A 494 27.53 23.96 8.37
N GLU A 495 28.80 24.33 8.26
CA GLU A 495 29.28 25.15 7.15
C GLU A 495 29.36 24.35 5.84
N LYS A 496 29.14 23.04 5.95
CA LYS A 496 29.11 22.16 4.78
C LYS A 496 27.71 22.14 4.18
N ILE A 497 26.70 21.97 5.04
CA ILE A 497 25.28 22.03 4.64
C ILE A 497 24.95 23.43 4.13
N LEU A 498 25.46 24.46 4.82
CA LEU A 498 25.31 25.86 4.40
C LEU A 498 25.90 26.11 3.00
N ARG A 499 27.05 25.49 2.71
CA ARG A 499 27.68 25.58 1.39
C ARG A 499 26.78 24.94 0.33
N LEU A 500 26.15 23.82 0.68
CA LEU A 500 25.27 23.12 -0.23
C LEU A 500 23.97 23.87 -0.46
N TYR A 501 23.67 24.82 0.42
CA TYR A 501 22.48 25.66 0.24
C TYR A 501 22.73 26.71 -0.84
N GLY A 502 23.94 27.26 -0.86
CA GLY A 502 24.36 28.17 -1.92
C GLY A 502 24.43 27.44 -3.24
N ASP A 503 24.61 26.12 -3.17
CA ASP A 503 24.68 25.25 -4.36
C ASP A 503 23.32 25.05 -5.03
N LEU A 504 22.24 25.44 -4.37
CA LEU A 504 20.90 25.32 -4.93
C LEU A 504 20.73 26.17 -6.17
N GLN A 505 21.53 27.23 -6.26
CA GLN A 505 21.56 28.10 -7.45
C GLN A 505 22.08 27.34 -8.66
N HIS A 506 22.97 26.37 -8.40
CA HIS A 506 23.71 25.69 -9.45
C HIS A 506 23.07 24.40 -9.95
N LEU A 507 21.87 24.06 -9.48
CA LEU A 507 21.31 22.75 -9.83
C LEU A 507 20.82 22.61 -11.28
N LYS A 508 21.07 21.43 -11.85
CA LYS A 508 20.69 21.12 -13.21
C LYS A 508 19.45 20.22 -13.21
N THR A 509 18.44 20.65 -13.96
CA THR A 509 17.23 19.89 -14.16
C THR A 509 17.11 19.57 -15.65
N PHE A 510 16.49 18.44 -15.98
CA PHE A 510 16.41 17.96 -17.36
C PHE A 510 15.01 17.97 -17.96
N ASP A 511 14.05 17.39 -17.24
CA ASP A 511 12.65 17.33 -17.71
C ASP A 511 12.03 18.72 -17.75
N ARG A 512 11.60 19.12 -18.94
CA ARG A 512 10.99 20.44 -19.15
C ARG A 512 9.51 20.34 -19.52
N GLY A 513 8.86 19.27 -19.05
CA GLY A 513 7.44 19.05 -19.30
C GLY A 513 6.54 19.44 -18.14
N MET A 514 5.23 19.24 -18.34
CA MET A 514 4.23 19.61 -17.34
C MET A 514 3.65 18.38 -16.64
N VAL A 515 3.31 17.36 -17.43
CA VAL A 515 2.70 16.15 -16.91
C VAL A 515 3.74 15.30 -16.21
N TRP A 516 3.46 14.97 -14.95
CA TRP A 516 4.31 14.11 -14.11
C TRP A 516 5.80 14.37 -14.21
N ASN A 517 6.19 15.63 -13.99
CA ASN A 517 7.60 15.97 -13.95
C ASN A 517 8.19 15.61 -12.59
N THR A 518 8.56 14.34 -12.43
CA THR A 518 9.18 13.89 -11.18
C THR A 518 10.56 14.51 -10.96
N ASP A 519 11.30 14.70 -12.06
CA ASP A 519 12.58 15.40 -12.00
C ASP A 519 12.40 16.74 -11.27
N LEU A 520 11.32 17.44 -11.62
CA LEU A 520 11.01 18.73 -11.00
C LEU A 520 10.60 18.61 -9.53
N VAL A 521 9.72 17.67 -9.20
CA VAL A 521 9.19 17.56 -7.84
C VAL A 521 10.25 17.15 -6.83
N GLU A 522 11.15 16.26 -7.24
CA GLU A 522 12.24 15.83 -6.37
C GLU A 522 13.19 16.98 -6.10
N THR A 523 13.20 17.96 -7.01
CA THR A 523 13.98 19.19 -6.86
C THR A 523 13.29 20.15 -5.89
N LEU A 524 11.95 20.14 -5.89
CA LEU A 524 11.20 20.87 -4.87
C LEU A 524 11.42 20.19 -3.54
N GLU A 525 11.47 18.85 -3.57
CA GLU A 525 11.71 18.03 -2.39
C GLU A 525 13.09 18.33 -1.81
N LEU A 526 14.05 18.63 -2.67
CA LEU A 526 15.41 18.95 -2.26
C LEU A 526 15.48 20.27 -1.49
N GLN A 527 14.83 21.30 -2.01
CA GLN A 527 14.72 22.59 -1.32
C GLN A 527 14.10 22.37 0.06
N ASN A 528 13.06 21.55 0.10
CA ASN A 528 12.39 21.19 1.35
C ASN A 528 13.31 20.48 2.33
N LEU A 529 14.01 19.44 1.86
CA LEU A 529 14.95 18.67 2.69
C LEU A 529 16.08 19.52 3.26
N MET A 530 16.66 20.39 2.42
CA MET A 530 17.76 21.29 2.81
C MET A 530 17.42 22.19 3.98
N LEU A 531 16.22 22.78 3.94
CA LEU A 531 15.73 23.63 5.03
C LEU A 531 15.58 22.81 6.31
N CYS A 532 15.17 21.56 6.17
CA CYS A 532 15.11 20.65 7.32
C CYS A 532 16.50 20.29 7.79
N ALA A 533 17.42 20.12 6.85
CA ALA A 533 18.80 19.76 7.17
C ALA A 533 19.52 20.89 7.91
N LEU A 534 19.50 22.09 7.33
CA LEU A 534 20.09 23.27 7.96
C LEU A 534 19.69 23.43 9.42
N GLN A 535 18.39 23.36 9.68
CA GLN A 535 17.86 23.59 11.02
C GLN A 535 18.23 22.44 11.98
N THR A 536 18.29 21.23 11.46
CA THR A 536 18.70 20.06 12.24
C THR A 536 20.15 20.20 12.73
N ILE A 537 21.06 20.46 11.79
CA ILE A 537 22.49 20.49 12.07
C ILE A 537 22.94 21.67 12.96
N TYR A 538 22.37 22.85 12.73
CA TYR A 538 22.70 24.04 13.52
C TYR A 538 22.17 23.92 14.94
N GLY A 539 20.89 23.55 15.06
CA GLY A 539 20.26 23.31 16.36
C GLY A 539 21.02 22.28 17.16
N ALA A 540 21.55 21.27 16.47
CA ALA A 540 22.32 20.19 17.07
C ALA A 540 23.65 20.66 17.64
N GLU A 541 24.35 21.52 16.91
CA GLU A 541 25.66 22.00 17.36
C GLU A 541 25.56 22.99 18.53
N ALA A 542 24.44 23.71 18.60
CA ALA A 542 24.21 24.68 19.66
C ALA A 542 23.90 24.00 21.01
N ARG A 543 23.17 22.89 20.95
CA ARG A 543 22.78 22.13 22.14
C ARG A 543 23.96 21.43 22.78
N LYS A 544 24.44 21.99 23.89
CA LYS A 544 25.63 21.50 24.56
C LYS A 544 25.26 20.69 25.80
N GLU A 545 24.57 19.57 25.54
CA GLU A 545 24.18 18.60 26.56
C GLU A 545 23.92 17.24 25.90
N SER A 546 23.77 16.20 26.72
CA SER A 546 23.28 14.90 26.25
C SER A 546 21.88 14.64 26.80
N ARG A 547 20.89 14.65 25.91
CA ARG A 547 19.50 14.42 26.28
C ARG A 547 18.81 13.61 25.20
N GLY A 548 18.22 12.49 25.59
CA GLY A 548 17.49 11.64 24.64
C GLY A 548 18.37 11.19 23.49
N ALA A 549 17.85 11.31 22.27
CA ALA A 549 18.58 10.89 21.07
C ALA A 549 19.84 11.73 20.80
N HIS A 550 19.79 13.01 21.19
CA HIS A 550 20.92 13.89 21.05
C HIS A 550 21.92 13.60 22.16
N ALA A 551 23.02 12.96 21.79
CA ALA A 551 24.10 12.69 22.73
C ALA A 551 25.36 13.37 22.26
N ARG A 552 25.85 14.30 23.08
CA ARG A 552 27.14 14.95 22.85
C ARG A 552 28.24 14.21 23.61
N GLU A 553 29.44 14.19 23.06
CA GLU A 553 30.57 13.56 23.73
C GLU A 553 31.54 14.57 24.35
N ASP A 554 31.29 15.86 24.10
CA ASP A 554 31.98 16.93 24.81
C ASP A 554 31.16 17.41 26.01
N PHE A 555 29.84 17.28 25.90
CA PHE A 555 28.91 17.63 26.97
C PHE A 555 27.95 16.48 27.20
N LYS A 556 28.43 15.45 27.92
CA LYS A 556 27.64 14.25 28.16
C LYS A 556 26.64 14.38 29.33
N GLU A 557 26.70 15.51 30.03
CA GLU A 557 25.82 15.77 31.17
C GLU A 557 24.43 16.19 30.72
N ARG A 558 23.41 15.71 31.44
CA ARG A 558 22.03 16.13 31.23
C ARG A 558 21.82 17.44 31.99
N VAL A 559 21.77 18.56 31.27
CA VAL A 559 21.74 19.88 31.90
C VAL A 559 20.32 20.42 32.10
N ASP A 560 19.89 20.48 33.36
CA ASP A 560 18.55 20.96 33.72
C ASP A 560 18.64 22.28 34.49
N GLU A 561 17.48 22.77 34.95
CA GLU A 561 17.43 23.96 35.82
C GLU A 561 18.05 23.63 37.19
N TYR A 562 17.85 22.39 37.64
CA TYR A 562 18.46 21.88 38.85
C TYR A 562 19.33 20.67 38.54
N ASP A 563 20.24 20.35 39.44
CA ASP A 563 20.87 19.04 39.46
C ASP A 563 19.86 18.10 40.12
N TYR A 564 19.25 17.22 39.31
CA TYR A 564 18.18 16.36 39.77
C TYR A 564 18.63 15.01 40.34
N SER A 565 19.94 14.83 40.46
CA SER A 565 20.50 13.64 41.09
C SER A 565 20.23 13.68 42.61
N LYS A 566 20.59 14.80 43.24
CA LYS A 566 20.42 14.99 44.68
C LYS A 566 19.09 15.69 45.05
N PRO A 567 18.72 15.72 46.35
CA PRO A 567 17.50 16.40 46.82
C PRO A 567 17.35 17.84 46.33
N ILE A 568 16.11 18.28 46.20
CA ILE A 568 15.77 19.56 45.56
C ILE A 568 15.99 20.82 46.41
N GLN A 569 16.08 20.65 47.72
CA GLN A 569 15.99 21.75 48.72
C GLN A 569 16.69 23.09 48.40
N GLY A 570 17.91 23.26 48.92
CA GLY A 570 18.60 24.56 48.88
C GLY A 570 19.44 24.79 47.65
N GLN A 571 18.99 24.27 46.52
CA GLN A 571 19.70 24.42 45.25
C GLN A 571 19.44 25.76 44.59
N GLN A 572 20.49 26.31 43.99
CA GLN A 572 20.39 27.50 43.17
C GLN A 572 19.73 27.16 41.83
N LYS A 573 18.51 27.65 41.62
CA LYS A 573 17.80 27.43 40.35
C LYS A 573 18.46 28.23 39.23
N LYS A 574 18.83 27.53 38.15
CA LYS A 574 19.52 28.15 37.02
C LYS A 574 18.59 29.02 36.17
N PRO A 575 19.06 30.22 35.78
CA PRO A 575 18.34 31.09 34.83
C PRO A 575 18.07 30.37 33.51
N PHE A 576 17.07 30.85 32.78
CA PHE A 576 16.61 30.18 31.56
C PHE A 576 17.70 29.96 30.51
N GLN A 577 18.56 30.96 30.27
CA GLN A 577 19.61 30.84 29.25
C GLN A 577 20.94 30.30 29.78
N GLU A 578 20.87 29.51 30.85
CA GLU A 578 22.04 28.85 31.44
C GLU A 578 21.85 27.32 31.54
N HIS A 579 20.69 26.82 31.11
CA HIS A 579 20.44 25.37 31.04
C HIS A 579 19.76 24.98 29.72
N TRP A 580 19.59 23.67 29.50
CA TRP A 580 19.12 23.19 28.20
C TRP A 580 17.82 22.38 28.24
N ARG A 581 17.08 22.48 29.33
CA ARG A 581 15.78 21.85 29.42
C ARG A 581 14.72 22.75 28.80
N LYS A 582 14.84 22.94 27.48
CA LYS A 582 13.99 23.86 26.73
C LYS A 582 13.92 23.43 25.26
N HIS A 583 12.85 23.87 24.59
CA HIS A 583 12.65 23.54 23.17
C HIS A 583 13.46 24.45 22.26
N THR A 584 14.09 23.83 21.25
CA THR A 584 14.87 24.55 20.25
C THR A 584 14.01 25.07 19.11
N LEU A 585 13.79 26.38 19.07
CA LEU A 585 13.05 27.00 17.98
C LEU A 585 14.00 27.51 16.89
N SER A 586 13.72 27.12 15.65
CA SER A 586 14.64 27.40 14.55
C SER A 586 13.97 28.16 13.39
N TYR A 587 14.68 29.17 12.91
CA TYR A 587 14.27 29.93 11.74
C TYR A 587 15.39 29.85 10.72
N VAL A 588 15.04 29.86 9.44
CA VAL A 588 16.04 30.12 8.40
C VAL A 588 15.56 31.21 7.45
N ASP A 589 16.38 32.24 7.33
CA ASP A 589 16.20 33.23 6.29
C ASP A 589 16.41 32.49 4.97
N VAL A 590 15.31 32.28 4.25
CA VAL A 590 15.29 31.47 3.03
C VAL A 590 16.34 31.93 2.01
N LYS A 591 16.69 33.22 2.02
CA LYS A 591 17.58 33.79 1.02
C LYS A 591 19.06 33.45 1.23
N THR A 592 19.66 33.93 2.32
CA THR A 592 21.06 33.65 2.60
C THR A 592 21.27 32.25 3.18
N GLY A 593 20.18 31.58 3.53
CA GLY A 593 20.24 30.27 4.17
C GLY A 593 20.86 30.35 5.55
N LYS A 594 20.52 31.40 6.29
CA LYS A 594 21.06 31.60 7.64
C LYS A 594 20.10 31.07 8.71
N VAL A 595 20.66 30.33 9.66
CA VAL A 595 19.87 29.79 10.76
C VAL A 595 20.08 30.63 12.02
N SER A 596 18.99 31.22 12.49
CA SER A 596 18.99 31.90 13.79
C SER A 596 18.00 31.20 14.72
N LEU A 597 18.44 30.88 15.93
CA LEU A 597 17.62 30.09 16.85
C LEU A 597 17.22 30.77 18.17
N GLU A 598 16.13 30.27 18.74
CA GLU A 598 15.58 30.75 20.01
C GLU A 598 15.11 29.57 20.83
N TYR A 599 14.56 29.83 22.02
CA TYR A 599 14.11 28.77 22.92
C TYR A 599 12.82 29.11 23.67
N ARG A 600 11.99 28.09 23.88
CA ARG A 600 10.81 28.22 24.74
C ARG A 600 10.75 27.07 25.74
N PRO A 601 10.11 27.30 26.91
CA PRO A 601 10.17 26.30 28.00
C PRO A 601 9.34 25.06 27.70
N VAL A 602 9.71 23.93 28.31
CA VAL A 602 8.88 22.73 28.26
C VAL A 602 7.70 22.90 29.21
N ILE A 603 6.61 22.21 28.95
CA ILE A 603 5.41 22.32 29.77
C ILE A 603 5.37 21.15 30.76
N ASP A 604 5.38 21.48 32.05
CA ASP A 604 5.46 20.47 33.10
C ASP A 604 4.11 20.16 33.76
N LYS A 605 3.27 21.17 33.87
CA LYS A 605 1.94 20.98 34.43
C LYS A 605 1.07 20.19 33.47
N THR A 606 0.38 19.17 34.01
CA THR A 606 -0.54 18.34 33.22
C THR A 606 -1.85 19.10 32.98
N LEU A 607 -2.85 18.42 32.43
CA LEU A 607 -4.16 19.06 32.22
C LEU A 607 -4.98 19.15 33.51
N ASN A 608 -4.70 18.24 34.45
CA ASN A 608 -5.34 18.23 35.76
C ASN A 608 -4.51 17.42 36.75
N GLU A 609 -3.87 18.13 37.69
CA GLU A 609 -3.00 17.51 38.69
C GLU A 609 -3.67 16.39 39.49
N ALA A 610 -4.94 16.59 39.81
CA ALA A 610 -5.73 15.64 40.60
C ALA A 610 -5.93 14.29 39.91
N ASP A 611 -5.93 14.30 38.58
CA ASP A 611 -6.13 13.08 37.79
C ASP A 611 -4.79 12.49 37.33
N CYS A 612 -3.78 13.35 37.23
CA CYS A 612 -2.49 12.95 36.67
C CYS A 612 -1.38 13.85 37.17
N ALA A 613 -0.66 13.39 38.20
CA ALA A 613 0.36 14.20 38.85
C ALA A 613 1.58 14.40 37.97
N THR A 614 2.10 15.63 37.98
CA THR A 614 3.32 15.99 37.25
C THR A 614 4.49 15.14 37.71
N VAL A 615 5.16 14.52 36.75
CA VAL A 615 6.36 13.75 37.04
C VAL A 615 7.58 14.65 36.85
N PRO A 616 8.26 15.01 37.96
CA PRO A 616 9.44 15.86 37.91
C PRO A 616 10.63 15.10 37.32
N PRO A 617 11.63 15.83 36.79
CA PRO A 617 12.84 15.20 36.24
C PRO A 617 13.58 14.35 37.29
N ALA A 618 14.15 13.24 36.84
CA ALA A 618 14.89 12.32 37.72
C ALA A 618 16.03 11.65 36.97
N ILE A 619 16.83 10.84 37.68
CA ILE A 619 17.86 10.02 37.04
C ILE A 619 17.16 9.15 35.98
N ARG A 620 17.65 9.23 34.75
CA ARG A 620 17.00 8.60 33.61
C ARG A 620 17.87 7.50 32.99
N SER A 621 17.62 6.26 33.41
CA SER A 621 18.29 5.08 32.86
C SER A 621 17.44 3.82 33.03
N TYR A 622 17.67 2.84 32.17
CA TYR A 622 16.80 1.67 32.07
C TYR A 622 17.44 0.36 32.52
N PRO B 9 33.65 -4.50 -13.28
CA PRO B 9 32.85 -4.09 -14.44
C PRO B 9 31.84 -5.18 -14.79
N ARG B 10 30.57 -4.80 -14.93
CA ARG B 10 29.48 -5.77 -15.16
C ARG B 10 28.16 -5.11 -15.65
N ILE B 11 28.09 -4.83 -16.95
CA ILE B 11 26.96 -4.11 -17.57
C ILE B 11 25.73 -4.98 -17.80
N LYS B 12 24.57 -4.47 -17.37
CA LYS B 12 23.28 -5.11 -17.62
C LYS B 12 22.38 -4.14 -18.40
N LYS B 13 21.70 -4.64 -19.43
CA LYS B 13 20.80 -3.82 -20.26
C LYS B 13 19.34 -3.82 -19.78
N PHE B 14 18.71 -2.65 -19.89
CA PHE B 14 17.30 -2.48 -19.54
C PHE B 14 16.54 -1.86 -20.71
N ALA B 15 15.40 -2.47 -21.06
CA ALA B 15 14.54 -1.93 -22.11
C ALA B 15 13.26 -1.39 -21.48
N ILE B 16 13.11 -0.07 -21.51
CA ILE B 16 12.01 0.57 -20.80
C ILE B 16 11.04 1.30 -21.72
N TYR B 17 9.75 1.12 -21.44
CA TYR B 17 8.65 1.76 -22.15
C TYR B 17 8.65 3.25 -21.86
N ARG B 18 8.74 4.06 -22.91
CA ARG B 18 8.72 5.50 -22.75
C ARG B 18 7.56 6.13 -23.51
N TRP B 19 6.98 7.17 -22.92
CA TRP B 19 6.06 8.05 -23.62
C TRP B 19 5.94 9.38 -22.88
N ASP B 20 6.21 10.46 -23.59
CA ASP B 20 6.10 11.80 -23.04
C ASP B 20 4.87 12.49 -23.62
N PRO B 21 3.84 12.72 -22.79
CA PRO B 21 2.60 13.40 -23.20
C PRO B 21 2.82 14.87 -23.60
N ASP B 22 3.92 15.47 -23.14
CA ASP B 22 4.20 16.88 -23.39
C ASP B 22 4.88 17.17 -24.73
N LYS B 23 5.38 16.11 -25.39
CA LYS B 23 5.99 16.22 -26.72
C LYS B 23 4.93 16.12 -27.83
N THR B 24 5.05 16.98 -28.84
CA THR B 24 4.08 17.03 -29.93
C THR B 24 4.09 15.74 -30.72
N GLY B 25 2.97 15.02 -30.64
CA GLY B 25 2.77 13.78 -31.39
C GLY B 25 3.85 12.74 -31.21
N ASP B 26 4.27 12.55 -29.96
CA ASP B 26 5.18 11.46 -29.63
C ASP B 26 4.35 10.19 -29.47
N LYS B 27 4.85 9.08 -30.00
CA LYS B 27 4.17 7.80 -29.83
C LYS B 27 5.03 6.85 -29.01
N PRO B 28 4.41 5.85 -28.35
CA PRO B 28 5.11 4.96 -27.41
C PRO B 28 6.30 4.22 -28.04
N HIS B 29 7.44 4.26 -27.36
CA HIS B 29 8.64 3.56 -27.81
C HIS B 29 9.44 2.97 -26.64
N MET B 30 10.37 2.09 -26.97
CA MET B 30 11.25 1.49 -25.97
C MET B 30 12.58 2.23 -25.95
N GLN B 31 13.18 2.35 -24.77
CA GLN B 31 14.50 2.95 -24.66
C GLN B 31 15.42 2.09 -23.80
N THR B 32 16.67 1.97 -24.26
CA THR B 32 17.65 1.10 -23.61
C THR B 32 18.59 1.89 -22.72
N TYR B 33 18.81 1.36 -21.51
CA TYR B 33 19.79 1.91 -20.57
C TYR B 33 20.74 0.79 -20.16
N GLU B 34 21.94 1.17 -19.73
CA GLU B 34 22.94 0.20 -19.29
C GLU B 34 23.60 0.57 -17.96
N ILE B 35 23.64 -0.41 -17.06
CA ILE B 35 24.01 -0.20 -15.66
C ILE B 35 25.08 -1.18 -15.18
N ASP B 36 26.13 -0.66 -14.55
CA ASP B 36 27.09 -1.50 -13.84
C ASP B 36 26.44 -1.97 -12.54
N LEU B 37 26.22 -3.28 -12.44
CA LEU B 37 25.51 -3.86 -11.29
C LEU B 37 26.31 -3.87 -9.99
N ASN B 38 27.62 -3.64 -10.08
CA ASN B 38 28.47 -3.54 -8.90
C ASN B 38 28.32 -2.23 -8.12
N ASN B 39 27.69 -1.25 -8.75
CA ASN B 39 27.36 0.02 -8.10
C ASN B 39 25.83 0.22 -8.05
N CYS B 40 25.12 -0.84 -7.72
CA CYS B 40 23.66 -0.83 -7.75
C CYS B 40 23.06 -1.82 -6.77
N GLY B 41 21.98 -1.41 -6.11
CA GLY B 41 21.22 -2.30 -5.24
C GLY B 41 20.70 -3.49 -6.02
N PRO B 42 20.28 -4.56 -5.33
CA PRO B 42 19.92 -5.79 -6.03
C PRO B 42 18.57 -5.75 -6.78
N MET B 43 17.66 -4.86 -6.37
CA MET B 43 16.30 -4.83 -6.90
C MET B 43 16.14 -3.97 -8.15
N VAL B 44 15.08 -4.23 -8.92
CA VAL B 44 14.81 -3.49 -10.17
C VAL B 44 14.64 -1.99 -9.92
N LEU B 45 13.90 -1.64 -8.87
CA LEU B 45 13.69 -0.24 -8.52
C LEU B 45 15.01 0.49 -8.32
N ASP B 46 15.99 -0.19 -7.72
CA ASP B 46 17.33 0.35 -7.53
C ASP B 46 17.94 0.82 -8.85
N ALA B 47 17.79 -0.02 -9.88
CA ALA B 47 18.22 0.31 -11.23
C ALA B 47 17.45 1.52 -11.74
N LEU B 48 16.12 1.42 -11.76
CA LEU B 48 15.26 2.53 -12.17
C LEU B 48 15.67 3.87 -11.54
N ILE B 49 15.85 3.86 -10.22
CA ILE B 49 16.34 5.04 -9.47
C ILE B 49 17.73 5.46 -9.97
N LYS B 50 18.62 4.49 -10.17
CA LYS B 50 19.99 4.77 -10.60
C LYS B 50 20.04 5.41 -11.99
N ILE B 51 19.27 4.86 -12.94
CA ILE B 51 19.23 5.43 -14.30
C ILE B 51 18.53 6.79 -14.29
N LYS B 52 17.53 6.93 -13.43
CA LYS B 52 16.81 8.18 -13.23
C LYS B 52 17.75 9.28 -12.71
N ASN B 53 18.56 8.92 -11.72
CA ASN B 53 19.46 9.86 -11.07
C ASN B 53 20.72 10.20 -11.86
N GLU B 54 21.22 9.24 -12.66
CA GLU B 54 22.54 9.37 -13.26
C GLU B 54 22.55 9.45 -14.78
N ILE B 55 21.59 8.79 -15.43
CA ILE B 55 21.53 8.73 -16.88
C ILE B 55 20.42 9.62 -17.46
N ASP B 56 19.18 9.36 -17.05
CA ASP B 56 18.03 10.08 -17.60
C ASP B 56 17.00 10.41 -16.53
N SER B 57 16.91 11.70 -16.21
CA SER B 57 15.94 12.18 -15.22
C SER B 57 14.56 12.43 -15.84
N THR B 58 14.39 12.06 -17.10
CA THR B 58 13.11 12.16 -17.79
C THR B 58 12.30 10.91 -17.54
N LEU B 59 12.93 9.89 -16.97
CA LEU B 59 12.26 8.66 -16.59
C LEU B 59 11.31 8.90 -15.42
N THR B 60 10.04 8.53 -15.61
CA THR B 60 9.01 8.81 -14.62
C THR B 60 8.30 7.54 -14.15
N PHE B 61 8.26 7.35 -12.83
CA PHE B 61 7.65 6.17 -12.22
C PHE B 61 7.20 6.46 -10.79
N ARG B 62 6.25 5.66 -10.30
CA ARG B 62 5.75 5.80 -8.93
C ARG B 62 6.55 4.94 -7.97
N ARG B 63 6.92 5.50 -6.82
CA ARG B 63 7.64 4.77 -5.77
C ARG B 63 7.53 5.48 -4.43
N SER B 64 7.54 4.71 -3.35
CA SER B 64 7.55 5.29 -2.01
C SER B 64 8.39 4.49 -0.99
N CYS B 65 7.98 3.26 -0.71
CA CYS B 65 8.49 2.51 0.45
C CYS B 65 9.79 1.74 0.24
N ARG B 66 10.11 1.44 -1.03
CA ARG B 66 11.22 0.52 -1.42
C ARG B 66 11.34 -0.77 -0.57
N GLU B 67 10.19 -1.26 -0.12
CA GLU B 67 10.08 -2.25 0.94
C GLU B 67 9.00 -3.28 0.61
N GLY B 68 8.16 -2.93 -0.37
CA GLY B 68 7.07 -3.78 -0.81
C GLY B 68 5.80 -3.74 0.02
N ILE B 69 5.42 -2.57 0.54
CA ILE B 69 4.13 -2.42 1.26
C ILE B 69 3.27 -1.26 0.79
N CYS B 70 3.85 -0.26 0.14
CA CYS B 70 3.02 0.85 -0.32
C CYS B 70 2.24 0.44 -1.57
N GLY B 71 2.90 -0.29 -2.47
CA GLY B 71 2.29 -0.74 -3.71
C GLY B 71 2.41 0.26 -4.84
N SER B 72 3.28 1.25 -4.66
CA SER B 72 3.43 2.34 -5.63
C SER B 72 4.11 1.95 -6.94
N CYS B 73 5.07 1.03 -6.84
CA CYS B 73 5.95 0.73 -7.97
C CYS B 73 5.49 -0.48 -8.82
N ALA B 74 4.21 -0.81 -8.72
CA ALA B 74 3.66 -1.92 -9.49
C ALA B 74 3.83 -1.69 -10.99
N MET B 75 4.49 -2.64 -11.66
CA MET B 75 4.72 -2.56 -13.09
C MET B 75 5.00 -3.95 -13.68
N ASN B 76 5.13 -4.01 -15.00
CA ASN B 76 5.37 -5.27 -15.69
C ASN B 76 6.84 -5.49 -16.05
N ILE B 77 7.52 -6.30 -15.25
CA ILE B 77 8.92 -6.64 -15.50
C ILE B 77 9.01 -8.03 -16.11
N ASN B 78 9.65 -8.13 -17.28
CA ASN B 78 9.86 -9.40 -17.98
C ASN B 78 8.57 -10.21 -18.15
N GLY B 79 7.49 -9.51 -18.49
CA GLY B 79 6.21 -10.14 -18.81
C GLY B 79 5.33 -10.51 -17.64
N GLY B 80 5.67 -10.02 -16.45
CA GLY B 80 4.91 -10.31 -15.24
C GLY B 80 4.71 -9.09 -14.39
N ASN B 81 3.54 -8.96 -13.78
CA ASN B 81 3.24 -7.81 -12.92
C ASN B 81 3.72 -8.06 -11.49
N THR B 82 4.66 -7.22 -11.04
CA THR B 82 5.13 -7.26 -9.64
C THR B 82 5.55 -5.89 -9.14
N LEU B 83 6.27 -5.88 -8.04
CA LEU B 83 6.79 -4.66 -7.46
C LEU B 83 8.27 -4.59 -7.77
N ALA B 84 8.69 -3.45 -8.33
CA ALA B 84 10.08 -3.22 -8.73
C ALA B 84 11.05 -3.26 -7.55
N CYS B 85 10.59 -2.77 -6.38
CA CYS B 85 11.39 -2.71 -5.16
C CYS B 85 11.63 -4.07 -4.54
N THR B 86 10.95 -5.09 -5.07
CA THR B 86 10.92 -6.41 -4.48
C THR B 86 11.46 -7.52 -5.41
N ARG B 87 11.44 -7.26 -6.71
CA ARG B 87 12.02 -8.17 -7.69
C ARG B 87 13.50 -7.86 -7.86
N ARG B 88 14.36 -8.84 -7.59
CA ARG B 88 15.78 -8.67 -7.84
C ARG B 88 16.09 -8.82 -9.32
N ILE B 89 17.13 -8.13 -9.78
CA ILE B 89 17.52 -8.14 -11.19
C ILE B 89 18.16 -9.48 -11.52
N ASP B 90 17.82 -10.03 -12.67
CA ASP B 90 18.43 -11.26 -13.17
C ASP B 90 19.90 -10.98 -13.54
N THR B 91 20.83 -11.54 -12.76
CA THR B 91 22.27 -11.25 -12.91
C THR B 91 22.84 -11.73 -14.24
N ASN B 92 22.10 -12.59 -14.95
CA ASN B 92 22.44 -13.03 -16.30
C ASN B 92 22.50 -11.87 -17.26
N LEU B 93 23.71 -11.54 -17.70
CA LEU B 93 23.99 -10.32 -18.46
C LEU B 93 23.54 -10.40 -19.91
N ASP B 94 23.48 -11.61 -20.45
CA ASP B 94 23.12 -11.85 -21.85
C ASP B 94 21.66 -11.50 -22.12
N LYS B 95 20.82 -11.65 -21.11
CA LYS B 95 19.41 -11.27 -21.18
C LYS B 95 19.22 -9.77 -20.90
N VAL B 96 18.13 -9.22 -21.41
CA VAL B 96 17.81 -7.81 -21.23
C VAL B 96 16.45 -7.65 -20.55
N SER B 97 16.44 -7.02 -19.36
CA SER B 97 15.19 -6.75 -18.64
C SER B 97 14.25 -5.84 -19.44
N LYS B 98 13.02 -6.30 -19.65
CA LYS B 98 12.00 -5.53 -20.35
C LYS B 98 10.97 -4.98 -19.37
N ILE B 99 11.00 -3.66 -19.15
CA ILE B 99 10.12 -3.01 -18.18
C ILE B 99 8.96 -2.32 -18.89
N TYR B 100 7.75 -2.61 -18.44
CA TYR B 100 6.52 -2.09 -19.03
C TYR B 100 5.55 -1.61 -17.95
N PRO B 101 4.65 -0.66 -18.31
CA PRO B 101 3.60 -0.28 -17.36
C PRO B 101 2.60 -1.40 -17.22
N LEU B 102 1.81 -1.37 -16.14
CA LEU B 102 0.77 -2.36 -15.95
C LEU B 102 -0.14 -2.43 -17.17
N PRO B 103 -0.41 -3.65 -17.68
CA PRO B 103 -1.14 -3.94 -18.92
C PRO B 103 -2.55 -3.35 -19.04
N HIS B 104 -2.91 -2.96 -20.26
CA HIS B 104 -4.24 -2.46 -20.61
C HIS B 104 -4.72 -1.29 -19.74
N MET B 105 -3.79 -0.46 -19.28
CA MET B 105 -4.14 0.77 -18.59
C MET B 105 -3.76 1.96 -19.46
N TYR B 106 -4.46 3.07 -19.26
CA TYR B 106 -4.12 4.32 -19.92
C TYR B 106 -2.82 4.85 -19.32
N VAL B 107 -1.86 5.15 -20.17
CA VAL B 107 -0.56 5.61 -19.71
C VAL B 107 -0.57 7.14 -19.61
N ILE B 108 -0.41 7.63 -18.39
CA ILE B 108 -0.33 9.06 -18.14
C ILE B 108 0.99 9.57 -18.71
N LYS B 109 2.06 8.90 -18.32
CA LYS B 109 3.42 9.17 -18.77
C LYS B 109 4.30 7.99 -18.40
N ASP B 110 5.19 7.60 -19.30
CA ASP B 110 6.18 6.54 -19.06
C ASP B 110 5.47 5.38 -18.37
N LEU B 111 6.00 4.95 -17.22
CA LEU B 111 5.43 3.82 -16.48
C LEU B 111 4.37 4.12 -15.43
N VAL B 112 3.70 5.26 -15.59
CA VAL B 112 2.69 5.72 -14.63
C VAL B 112 1.29 5.57 -15.23
N PRO B 113 0.54 4.54 -14.78
CA PRO B 113 -0.80 4.26 -15.28
C PRO B 113 -1.90 4.94 -14.47
N ASP B 114 -2.96 5.36 -15.15
CA ASP B 114 -4.14 5.94 -14.50
C ASP B 114 -4.93 4.85 -13.77
N LEU B 115 -4.83 4.85 -12.45
CA LEU B 115 -5.48 3.83 -11.62
C LEU B 115 -6.80 4.34 -11.03
N SER B 116 -7.29 5.48 -11.52
CA SER B 116 -8.50 6.14 -11.00
C SER B 116 -9.74 5.27 -10.97
N ASN B 117 -9.95 4.51 -12.05
CA ASN B 117 -11.07 3.58 -12.14
C ASN B 117 -10.92 2.44 -11.15
N PHE B 118 -9.68 1.96 -11.00
CA PHE B 118 -9.36 0.89 -10.08
C PHE B 118 -9.71 1.29 -8.65
N TYR B 119 -9.34 2.51 -8.27
CA TYR B 119 -9.60 3.02 -6.94
C TYR B 119 -11.10 3.18 -6.70
N ALA B 120 -11.81 3.64 -7.74
CA ALA B 120 -13.24 3.87 -7.67
C ALA B 120 -14.00 2.57 -7.47
N GLN B 121 -13.56 1.52 -8.16
CA GLN B 121 -14.13 0.18 -8.00
C GLN B 121 -13.98 -0.30 -6.55
N TYR B 122 -12.83 -0.04 -5.96
CA TYR B 122 -12.60 -0.33 -4.54
C TYR B 122 -13.62 0.39 -3.66
N LYS B 123 -13.84 1.66 -3.95
CA LYS B 123 -14.84 2.46 -3.24
C LYS B 123 -16.25 1.86 -3.32
N SER B 124 -16.58 1.19 -4.42
CA SER B 124 -17.97 0.77 -4.71
C SER B 124 -18.43 -0.50 -3.97
N ILE B 125 -17.56 -1.05 -3.13
CA ILE B 125 -17.92 -2.24 -2.35
C ILE B 125 -18.03 -1.92 -0.87
N GLU B 126 -17.73 -0.67 -0.52
CA GLU B 126 -17.77 -0.17 0.86
C GLU B 126 -16.80 -0.93 1.77
N PRO B 127 -15.48 -0.73 1.58
CA PRO B 127 -14.43 -1.42 2.34
C PRO B 127 -14.27 -0.90 3.76
N TYR B 128 -15.30 -1.09 4.58
CA TYR B 128 -15.29 -0.69 5.97
C TYR B 128 -16.33 -1.48 6.76
N LEU B 129 -16.16 -1.55 8.07
CA LEU B 129 -17.09 -2.29 8.91
C LEU B 129 -18.45 -1.60 8.96
N LYS B 130 -19.49 -2.40 8.74
CA LYS B 130 -20.87 -1.91 8.84
C LYS B 130 -21.64 -2.72 9.88
N LYS B 131 -22.26 -2.00 10.82
CA LYS B 131 -23.12 -2.61 11.84
C LYS B 131 -24.56 -2.11 11.72
N LYS B 132 -25.51 -2.97 12.08
CA LYS B 132 -26.94 -2.64 12.00
C LYS B 132 -27.32 -1.58 13.04
N ASP B 133 -26.64 -1.59 14.18
CA ASP B 133 -26.83 -0.59 15.22
C ASP B 133 -25.49 0.05 15.58
N GLU B 134 -25.14 1.12 14.86
CA GLU B 134 -23.85 1.79 15.05
C GLU B 134 -23.89 2.90 16.11
N SER B 135 -24.92 2.87 16.95
CA SER B 135 -25.10 3.86 18.02
C SER B 135 -24.25 3.57 19.25
N GLN B 136 -23.66 2.37 19.30
CA GLN B 136 -22.82 1.95 20.43
C GLN B 136 -21.33 1.98 20.09
N GLU B 137 -21.00 2.44 18.90
CA GLU B 137 -19.61 2.38 18.43
C GLU B 137 -18.68 3.40 19.09
N GLY B 138 -17.38 3.07 19.08
CA GLY B 138 -16.34 3.94 19.62
C GLY B 138 -16.14 3.88 21.12
N LYS B 139 -16.86 2.98 21.79
CA LYS B 139 -16.75 2.85 23.26
C LYS B 139 -16.45 1.44 23.76
N GLN B 140 -16.94 0.43 23.07
CA GLN B 140 -16.64 -0.95 23.42
C GLN B 140 -15.89 -1.60 22.29
N GLN B 141 -14.74 -2.21 22.60
CA GLN B 141 -14.06 -3.03 21.61
C GLN B 141 -14.92 -4.25 21.28
N TYR B 142 -15.09 -4.51 19.98
CA TYR B 142 -15.86 -5.66 19.53
C TYR B 142 -15.04 -6.93 19.75
N LEU B 143 -15.72 -8.00 20.19
CA LEU B 143 -15.04 -9.27 20.41
C LEU B 143 -14.97 -10.10 19.13
N GLN B 144 -13.79 -10.66 18.88
CA GLN B 144 -13.56 -11.57 17.75
C GLN B 144 -12.57 -12.65 18.18
N SER B 145 -12.96 -13.91 18.05
CA SER B 145 -12.16 -15.04 18.51
C SER B 145 -10.98 -15.30 17.58
N ILE B 146 -9.95 -15.94 18.12
CA ILE B 146 -8.73 -16.28 17.37
C ILE B 146 -9.03 -16.95 16.02
N GLU B 147 -10.00 -17.87 16.01
CA GLU B 147 -10.38 -18.59 14.80
C GLU B 147 -11.08 -17.67 13.79
N GLU B 148 -12.02 -16.87 14.29
CA GLU B 148 -12.74 -15.89 13.45
C GLU B 148 -11.78 -14.89 12.83
N ARG B 149 -10.62 -14.75 13.47
CA ARG B 149 -9.60 -13.83 13.04
C ARG B 149 -8.72 -14.46 11.94
N GLU B 150 -8.38 -15.74 12.09
CA GLU B 150 -7.58 -16.48 11.09
C GLU B 150 -8.18 -16.43 9.69
N LYS B 151 -9.50 -16.37 9.62
CA LYS B 151 -10.24 -16.27 8.36
C LYS B 151 -9.86 -15.03 7.57
N LEU B 152 -9.26 -14.05 8.24
CA LEU B 152 -8.85 -12.82 7.57
C LEU B 152 -7.40 -12.88 7.09
N ASP B 153 -6.63 -13.84 7.61
CA ASP B 153 -5.29 -14.06 7.10
C ASP B 153 -5.31 -14.34 5.61
N GLY B 154 -4.32 -13.81 4.90
CA GLY B 154 -4.26 -13.95 3.45
C GLY B 154 -5.26 -13.11 2.68
N LEU B 155 -5.95 -12.20 3.36
CA LEU B 155 -6.93 -11.31 2.74
C LEU B 155 -6.69 -9.83 3.10
N TYR B 156 -6.43 -9.56 4.38
CA TYR B 156 -6.23 -8.19 4.86
C TYR B 156 -4.90 -7.60 4.39
N GLU B 157 -3.96 -8.48 4.02
CA GLU B 157 -2.59 -8.06 3.66
C GLU B 157 -2.53 -7.32 2.33
N CYS B 158 -3.60 -7.44 1.55
CA CYS B 158 -3.61 -6.89 0.21
C CYS B 158 -3.14 -5.44 0.17
N ILE B 159 -2.29 -5.17 -0.80
CA ILE B 159 -1.58 -3.92 -0.88
C ILE B 159 -2.23 -2.88 -1.81
N LEU B 160 -3.17 -3.36 -2.63
CA LEU B 160 -3.80 -2.57 -3.70
C LEU B 160 -2.79 -2.08 -4.73
N CYS B 161 -1.84 -2.94 -5.07
CA CYS B 161 -0.80 -2.64 -6.06
C CYS B 161 -1.37 -2.75 -7.46
N ALA B 162 -2.49 -3.46 -7.59
CA ALA B 162 -3.21 -3.62 -8.85
C ALA B 162 -2.52 -4.54 -9.86
N CYS B 163 -1.53 -5.30 -9.40
CA CYS B 163 -0.83 -6.27 -10.24
C CYS B 163 -1.78 -7.33 -10.76
N CYS B 164 -2.61 -7.86 -9.85
CA CYS B 164 -3.48 -8.98 -10.17
C CYS B 164 -4.54 -8.59 -11.17
N SER B 165 -5.38 -7.62 -10.82
CA SER B 165 -6.47 -7.20 -11.69
C SER B 165 -5.95 -6.84 -13.08
N THR B 166 -4.79 -6.21 -13.10
CA THR B 166 -4.20 -5.69 -14.32
C THR B 166 -3.50 -6.80 -15.12
N SER B 167 -3.59 -8.02 -14.60
CA SER B 167 -3.11 -9.22 -15.29
C SER B 167 -4.27 -10.12 -15.68
N CYS B 168 -5.49 -9.79 -15.25
CA CYS B 168 -6.66 -10.59 -15.59
C CYS B 168 -7.21 -10.19 -16.96
N PRO B 169 -7.24 -11.15 -17.90
CA PRO B 169 -7.76 -10.82 -19.22
C PRO B 169 -9.19 -10.30 -19.18
N SER B 170 -10.00 -10.82 -18.25
CA SER B 170 -11.37 -10.33 -18.07
C SER B 170 -11.37 -8.85 -17.71
N TYR B 171 -10.38 -8.44 -16.92
CA TYR B 171 -10.19 -7.05 -16.53
C TYR B 171 -9.67 -6.18 -17.69
N TRP B 172 -9.04 -6.79 -18.68
CA TRP B 172 -8.63 -6.05 -19.87
C TRP B 172 -9.84 -5.73 -20.73
N TRP B 173 -10.55 -6.78 -21.13
CA TRP B 173 -11.68 -6.66 -22.03
C TRP B 173 -12.86 -5.94 -21.39
N ASN B 174 -12.99 -6.07 -20.07
CA ASN B 174 -14.17 -5.54 -19.39
C ASN B 174 -13.88 -4.78 -18.09
N GLY B 175 -12.75 -4.08 -18.06
CA GLY B 175 -12.35 -3.28 -16.91
C GLY B 175 -13.38 -2.29 -16.41
N ASP B 176 -14.27 -1.84 -17.30
CA ASP B 176 -15.30 -0.87 -16.95
C ASP B 176 -16.35 -1.44 -15.98
N LYS B 177 -16.88 -2.62 -16.29
CA LYS B 177 -17.97 -3.20 -15.53
C LYS B 177 -17.57 -4.38 -14.62
N TYR B 178 -16.38 -4.93 -14.86
CA TYR B 178 -15.89 -6.03 -14.03
C TYR B 178 -14.93 -5.53 -12.94
N LEU B 179 -15.19 -5.90 -11.69
CA LEU B 179 -14.46 -5.34 -10.56
C LEU B 179 -13.01 -5.81 -10.46
N GLY B 180 -12.75 -7.06 -10.83
CA GLY B 180 -11.40 -7.61 -10.81
C GLY B 180 -10.98 -8.17 -9.47
N PRO B 181 -9.95 -9.06 -9.46
CA PRO B 181 -9.52 -9.83 -8.29
C PRO B 181 -9.19 -8.99 -7.06
N ALA B 182 -8.39 -7.94 -7.22
CA ALA B 182 -8.08 -7.03 -6.10
C ALA B 182 -9.33 -6.60 -5.33
N VAL B 183 -10.26 -5.95 -6.02
CA VAL B 183 -11.48 -5.45 -5.41
C VAL B 183 -12.37 -6.59 -4.94
N LEU B 184 -12.45 -7.67 -5.71
CA LEU B 184 -13.29 -8.80 -5.34
C LEU B 184 -12.82 -9.45 -4.04
N MET B 185 -11.50 -9.63 -3.93
CA MET B 185 -10.94 -10.22 -2.72
C MET B 185 -11.29 -9.39 -1.48
N GLN B 186 -11.45 -8.07 -1.68
CA GLN B 186 -11.74 -7.18 -0.57
C GLN B 186 -13.19 -7.26 -0.13
N ALA B 187 -14.09 -7.42 -1.10
CA ALA B 187 -15.49 -7.65 -0.79
C ALA B 187 -15.62 -8.93 0.02
N TYR B 188 -14.81 -9.92 -0.33
CA TYR B 188 -14.78 -11.18 0.41
C TYR B 188 -14.18 -10.98 1.81
N ARG B 189 -13.18 -10.10 1.89
CA ARG B 189 -12.53 -9.75 3.16
C ARG B 189 -13.54 -9.27 4.19
N TRP B 190 -14.53 -8.52 3.72
CA TRP B 190 -15.56 -7.97 4.60
C TRP B 190 -16.75 -8.91 4.77
N MET B 191 -17.00 -9.74 3.76
CA MET B 191 -18.05 -10.74 3.86
C MET B 191 -17.81 -11.66 5.04
N ILE B 192 -16.60 -12.21 5.16
CA ILE B 192 -16.32 -13.20 6.20
C ILE B 192 -15.73 -12.62 7.49
N ASP B 193 -15.63 -11.30 7.57
CA ASP B 193 -15.25 -10.66 8.83
C ASP B 193 -16.44 -10.76 9.78
N SER B 194 -16.26 -11.53 10.86
CA SER B 194 -17.35 -11.86 11.78
C SER B 194 -18.04 -10.65 12.41
N ARG B 195 -17.35 -9.51 12.39
CA ARG B 195 -17.88 -8.27 12.99
C ARG B 195 -18.86 -7.53 12.06
N ASP B 196 -18.85 -7.88 10.78
CA ASP B 196 -19.68 -7.20 9.77
C ASP B 196 -21.10 -7.76 9.71
N ASP B 197 -22.08 -6.87 9.78
CA ASP B 197 -23.50 -7.25 9.83
C ASP B 197 -24.18 -7.17 8.46
N PHE B 198 -23.42 -6.82 7.42
CA PHE B 198 -24.02 -6.55 6.11
C PHE B 198 -23.66 -7.60 5.03
N THR B 199 -23.42 -8.84 5.45
CA THR B 199 -22.94 -9.91 4.57
C THR B 199 -23.86 -10.18 3.36
N GLU B 200 -25.17 -10.30 3.61
CA GLU B 200 -26.14 -10.62 2.57
C GLU B 200 -26.22 -9.55 1.47
N GLU B 201 -26.31 -8.29 1.88
CA GLU B 201 -26.42 -7.18 0.94
C GLU B 201 -25.10 -6.90 0.22
N ARG B 202 -23.99 -7.34 0.81
CA ARG B 202 -22.68 -7.28 0.17
C ARG B 202 -22.58 -8.28 -0.96
N LEU B 203 -23.28 -9.41 -0.81
CA LEU B 203 -23.38 -10.43 -1.84
C LEU B 203 -24.41 -10.01 -2.89
N ALA B 204 -25.49 -9.38 -2.43
CA ALA B 204 -26.55 -8.90 -3.31
C ALA B 204 -26.06 -7.81 -4.29
N LYS B 205 -24.98 -7.13 -3.92
CA LYS B 205 -24.37 -6.09 -4.76
C LYS B 205 -23.74 -6.66 -6.04
N LEU B 206 -23.37 -7.94 -5.99
CA LEU B 206 -22.71 -8.61 -7.11
C LEU B 206 -23.67 -9.34 -8.05
N GLN B 207 -24.97 -9.15 -7.82
CA GLN B 207 -26.02 -9.84 -8.58
C GLN B 207 -26.27 -9.25 -9.96
N ASP B 208 -25.29 -9.35 -10.82
CA ASP B 208 -25.41 -8.97 -12.22
C ASP B 208 -24.38 -9.78 -13.00
N PRO B 209 -24.44 -9.73 -14.34
CA PRO B 209 -23.53 -10.59 -15.10
C PRO B 209 -22.07 -10.12 -15.13
N PHE B 210 -21.81 -8.89 -14.68
CA PHE B 210 -20.48 -8.31 -14.88
C PHE B 210 -19.61 -8.14 -13.63
N SER B 211 -20.22 -7.71 -12.53
CA SER B 211 -19.47 -7.32 -11.33
C SER B 211 -18.54 -8.41 -10.78
N LEU B 212 -19.07 -9.62 -10.68
CA LEU B 212 -18.30 -10.77 -10.20
C LEU B 212 -18.12 -11.83 -11.29
N TYR B 213 -19.13 -11.98 -12.13
CA TYR B 213 -19.24 -13.15 -13.00
C TYR B 213 -18.45 -13.13 -14.31
N ARG B 214 -17.61 -12.13 -14.48
CA ARG B 214 -16.67 -12.12 -15.60
C ARG B 214 -15.41 -12.94 -15.28
N CYS B 215 -15.24 -13.34 -14.03
CA CYS B 215 -14.17 -14.26 -13.70
C CYS B 215 -14.46 -15.64 -14.30
N HIS B 216 -13.52 -16.14 -15.10
CA HIS B 216 -13.62 -17.48 -15.67
C HIS B 216 -12.47 -18.36 -15.20
N THR B 217 -11.84 -17.98 -14.10
CA THR B 217 -10.75 -18.75 -13.47
C THR B 217 -9.55 -18.99 -14.41
N ILE B 218 -8.95 -17.88 -14.84
CA ILE B 218 -7.73 -17.89 -15.66
C ILE B 218 -6.55 -17.99 -14.70
N MET B 219 -6.75 -17.46 -13.49
CA MET B 219 -5.82 -17.65 -12.37
C MET B 219 -4.46 -16.98 -12.54
N ASN B 220 -4.40 -15.98 -13.41
CA ASN B 220 -3.21 -15.15 -13.52
C ASN B 220 -2.99 -14.29 -12.28
N CYS B 221 -4.10 -13.82 -11.71
CA CYS B 221 -4.10 -12.98 -10.52
C CYS B 221 -3.30 -13.61 -9.37
N THR B 222 -3.71 -14.77 -8.91
CA THR B 222 -3.00 -15.49 -7.86
C THR B 222 -1.56 -15.73 -8.23
N GLY B 223 -1.34 -16.16 -9.46
CA GLY B 223 0.01 -16.41 -9.98
C GLY B 223 0.95 -15.21 -10.00
N THR B 224 0.40 -14.00 -9.92
CA THR B 224 1.22 -12.80 -10.07
C THR B 224 1.31 -11.93 -8.81
N CYS B 225 0.50 -12.22 -7.81
CA CYS B 225 0.44 -11.37 -6.62
C CYS B 225 1.79 -11.31 -5.92
N PRO B 226 2.35 -10.10 -5.78
CA PRO B 226 3.68 -9.95 -5.18
C PRO B 226 3.71 -10.35 -3.71
N LYS B 227 2.54 -10.47 -3.09
CA LYS B 227 2.47 -10.74 -1.66
C LYS B 227 2.16 -12.20 -1.31
N GLY B 228 1.97 -13.03 -2.33
CA GLY B 228 1.68 -14.45 -2.12
C GLY B 228 0.23 -14.75 -1.83
N LEU B 229 -0.63 -13.74 -1.94
CA LEU B 229 -2.06 -13.88 -1.69
C LEU B 229 -2.75 -14.62 -2.83
N ASN B 230 -4.00 -15.01 -2.60
CA ASN B 230 -4.71 -15.88 -3.53
C ASN B 230 -6.09 -15.31 -3.91
N PRO B 231 -6.12 -14.20 -4.68
CA PRO B 231 -7.41 -13.54 -4.95
C PRO B 231 -8.43 -14.41 -5.70
N GLY B 232 -7.96 -15.21 -6.66
CA GLY B 232 -8.84 -16.08 -7.43
C GLY B 232 -9.57 -17.10 -6.57
N LYS B 233 -8.88 -17.63 -5.57
CA LYS B 233 -9.48 -18.57 -4.61
C LYS B 233 -10.57 -17.88 -3.78
N ALA B 234 -10.36 -16.60 -3.47
CA ALA B 234 -11.34 -15.83 -2.73
C ALA B 234 -12.58 -15.60 -3.59
N ILE B 235 -12.34 -15.33 -4.88
CA ILE B 235 -13.40 -15.22 -5.88
C ILE B 235 -14.23 -16.50 -5.92
N ALA B 236 -13.56 -17.64 -6.00
CA ALA B 236 -14.22 -18.95 -6.01
C ALA B 236 -15.08 -19.15 -4.77
N GLU B 237 -14.58 -18.65 -3.64
CA GLU B 237 -15.29 -18.74 -2.39
C GLU B 237 -16.51 -17.81 -2.34
N ILE B 238 -16.42 -16.69 -3.05
CA ILE B 238 -17.56 -15.78 -3.20
C ILE B 238 -18.64 -16.47 -4.02
N LYS B 239 -18.24 -17.00 -5.18
CA LYS B 239 -19.18 -17.62 -6.10
C LYS B 239 -20.01 -18.66 -5.37
N LYS B 240 -19.39 -19.34 -4.41
CA LYS B 240 -20.07 -20.33 -3.59
C LYS B 240 -21.08 -19.71 -2.63
N MET B 241 -20.69 -18.60 -1.98
CA MET B 241 -21.58 -17.90 -1.07
C MET B 241 -22.78 -17.36 -1.83
N MET B 242 -22.51 -16.86 -3.03
CA MET B 242 -23.52 -16.31 -3.93
C MET B 242 -24.62 -17.32 -4.26
N ALA B 243 -24.26 -18.58 -4.39
CA ALA B 243 -25.21 -19.62 -4.76
C ALA B 243 -25.93 -20.24 -3.55
N THR B 244 -25.37 -20.05 -2.36
CA THR B 244 -25.84 -20.76 -1.17
C THR B 244 -26.56 -19.91 -0.12
N TYR B 245 -26.33 -18.59 -0.12
CA TYR B 245 -27.03 -17.70 0.81
C TYR B 245 -28.52 -17.58 0.45
N LYS B 246 -29.38 -17.69 1.45
CA LYS B 246 -30.83 -17.67 1.25
C LYS B 246 -31.47 -16.32 1.63
N GLU B 247 -32.73 -16.14 1.25
CA GLU B 247 -33.47 -14.87 1.40
C GLU B 247 -32.74 -13.69 0.74
N THR C 3 -17.93 13.61 -3.90
CA THR C 3 -17.79 12.77 -5.14
C THR C 3 -18.00 11.27 -4.89
N THR C 4 -18.92 10.66 -5.64
CA THR C 4 -19.27 9.23 -5.47
C THR C 4 -18.40 8.30 -6.32
N ALA C 5 -18.50 7.00 -6.04
CA ALA C 5 -17.74 5.99 -6.77
C ALA C 5 -18.20 5.91 -8.23
N LYS C 6 -19.51 6.02 -8.42
CA LYS C 6 -20.11 5.97 -9.74
C LYS C 6 -19.69 7.16 -10.61
N GLU C 7 -19.52 8.31 -9.97
CA GLU C 7 -19.09 9.53 -10.66
C GLU C 7 -17.62 9.50 -11.06
N GLU C 8 -16.77 8.93 -10.19
CA GLU C 8 -15.33 8.80 -10.44
C GLU C 8 -15.04 7.97 -11.68
N MET C 9 -15.94 7.03 -11.97
CA MET C 9 -15.81 6.15 -13.13
C MET C 9 -16.19 6.85 -14.44
N GLU C 10 -17.24 7.67 -14.40
CA GLU C 10 -17.63 8.46 -15.56
C GLU C 10 -16.56 9.48 -15.93
N ARG C 11 -15.92 10.07 -14.91
CA ARG C 11 -14.88 11.07 -15.10
C ARG C 11 -13.55 10.44 -15.52
N PHE C 12 -13.37 9.16 -15.21
CA PHE C 12 -12.22 8.39 -15.68
C PHE C 12 -12.31 8.15 -17.17
N TRP C 13 -13.50 7.73 -17.62
CA TRP C 13 -13.73 7.40 -19.03
C TRP C 13 -13.84 8.63 -19.94
N ASN C 14 -14.48 9.70 -19.44
CA ASN C 14 -14.58 10.94 -20.21
C ASN C 14 -13.24 11.64 -20.35
N LYS C 15 -12.36 11.44 -19.37
CA LYS C 15 -11.01 11.99 -19.42
C LYS C 15 -10.18 11.25 -20.47
N ASN C 16 -10.09 9.93 -20.32
CA ASN C 16 -9.13 9.13 -21.09
C ASN C 16 -9.48 8.83 -22.54
N LEU C 17 -10.78 8.77 -22.85
CA LEU C 17 -11.23 8.57 -24.23
C LEU C 17 -11.02 9.85 -25.05
N GLY C 18 -11.32 11.00 -24.46
CA GLY C 18 -11.11 12.30 -25.09
C GLY C 18 -9.68 12.82 -24.96
N SER C 19 -8.76 11.92 -24.62
CA SER C 19 -7.33 12.24 -24.54
C SER C 19 -6.53 11.43 -25.56
N ASN C 20 -5.24 11.76 -25.65
CA ASN C 20 -4.31 11.06 -26.54
C ASN C 20 -3.42 10.06 -25.79
N ARG C 21 -3.89 9.61 -24.63
CA ARG C 21 -3.17 8.62 -23.84
C ARG C 21 -3.26 7.24 -24.50
N PRO C 22 -2.11 6.56 -24.66
CA PRO C 22 -2.13 5.23 -25.25
C PRO C 22 -2.37 4.14 -24.20
N LEU C 23 -2.93 3.01 -24.64
CA LEU C 23 -3.05 1.86 -23.78
C LEU C 23 -1.70 1.19 -23.64
N SER C 24 -1.35 0.79 -22.43
CA SER C 24 -0.18 -0.03 -22.20
C SER C 24 -0.44 -1.39 -22.85
N PRO C 25 0.58 -1.97 -23.51
CA PRO C 25 0.45 -3.27 -24.17
C PRO C 25 0.08 -4.37 -23.18
N HIS C 26 -0.69 -5.35 -23.65
CA HIS C 26 -1.21 -6.45 -22.82
C HIS C 26 -0.77 -7.83 -23.32
N ILE C 27 -1.49 -8.39 -24.29
CA ILE C 27 -1.14 -9.71 -24.83
C ILE C 27 0.26 -9.71 -25.44
N THR C 28 0.61 -8.62 -26.14
CA THR C 28 1.90 -8.45 -26.80
C THR C 28 3.08 -8.73 -25.87
N ILE C 29 2.92 -8.33 -24.61
CA ILE C 29 4.04 -8.33 -23.65
C ILE C 29 3.93 -9.39 -22.56
N TYR C 30 2.72 -9.85 -22.25
CA TYR C 30 2.51 -10.72 -21.11
C TYR C 30 3.04 -12.15 -21.27
N ARG C 31 3.70 -12.63 -20.22
CA ARG C 31 4.38 -13.92 -20.20
C ARG C 31 3.40 -15.09 -20.19
N TRP C 32 3.59 -16.02 -21.11
CA TRP C 32 2.73 -17.20 -21.24
C TRP C 32 2.98 -18.25 -20.17
N SER C 33 1.90 -18.73 -19.58
CA SER C 33 1.97 -19.79 -18.60
C SER C 33 1.01 -20.89 -18.99
N LEU C 34 1.31 -22.12 -18.56
CA LEU C 34 0.44 -23.28 -18.86
C LEU C 34 -1.02 -23.07 -18.43
N PRO C 35 -1.26 -22.66 -17.16
CA PRO C 35 -2.62 -22.35 -16.72
C PRO C 35 -3.37 -21.44 -17.68
N MET C 36 -2.68 -20.42 -18.18
CA MET C 36 -3.27 -19.43 -19.06
C MET C 36 -3.58 -20.02 -20.42
N ALA C 37 -2.58 -20.64 -21.06
CA ALA C 37 -2.76 -21.27 -22.37
C ALA C 37 -3.88 -22.29 -22.36
N MET C 38 -4.03 -22.99 -21.24
CA MET C 38 -5.06 -24.02 -21.10
C MET C 38 -6.48 -23.46 -20.97
N SER C 39 -6.59 -22.24 -20.45
CA SER C 39 -7.90 -21.62 -20.38
C SER C 39 -8.37 -21.18 -21.77
N ILE C 40 -7.47 -20.62 -22.59
CA ILE C 40 -7.84 -20.23 -23.96
C ILE C 40 -8.32 -21.44 -24.75
N CYS C 41 -7.57 -22.53 -24.63
CA CYS C 41 -7.93 -23.81 -25.24
C CYS C 41 -9.33 -24.27 -24.88
N HIS C 42 -9.73 -24.06 -23.62
CA HIS C 42 -11.07 -24.42 -23.18
C HIS C 42 -12.16 -23.59 -23.88
N ARG C 43 -11.87 -22.32 -24.14
CA ARG C 43 -12.75 -21.48 -24.95
C ARG C 43 -12.77 -21.94 -26.40
N GLY C 44 -11.58 -22.18 -26.93
CA GLY C 44 -11.42 -22.64 -28.30
C GLY C 44 -12.15 -23.95 -28.56
N THR C 45 -11.92 -24.92 -27.68
CA THR C 45 -12.58 -26.22 -27.78
C THR C 45 -14.08 -26.09 -27.59
N GLY C 46 -14.49 -25.20 -26.68
CA GLY C 46 -15.90 -24.89 -26.48
C GLY C 46 -16.55 -24.39 -27.74
N ILE C 47 -16.02 -23.32 -28.30
CA ILE C 47 -16.50 -22.74 -29.55
C ILE C 47 -16.54 -23.77 -30.69
N ALA C 48 -15.46 -24.54 -30.84
CA ALA C 48 -15.36 -25.55 -31.90
C ALA C 48 -16.42 -26.63 -31.77
N LEU C 49 -16.64 -27.09 -30.54
CA LEU C 49 -17.62 -28.14 -30.26
C LEU C 49 -19.07 -27.67 -30.47
N SER C 50 -19.32 -26.39 -30.21
CA SER C 50 -20.62 -25.79 -30.50
C SER C 50 -20.86 -25.73 -31.99
N ALA C 51 -19.85 -25.25 -32.72
CA ALA C 51 -19.88 -25.20 -34.18
C ALA C 51 -20.17 -26.59 -34.76
N GLY C 52 -19.58 -27.61 -34.16
CA GLY C 52 -19.79 -29.00 -34.56
C GLY C 52 -21.24 -29.42 -34.38
N VAL C 53 -21.77 -29.20 -33.19
CA VAL C 53 -23.15 -29.57 -32.88
C VAL C 53 -24.15 -28.78 -33.75
N SER C 54 -23.90 -27.48 -33.90
CA SER C 54 -24.80 -26.62 -34.67
C SER C 54 -24.79 -26.92 -36.16
N LEU C 55 -23.61 -27.21 -36.71
CA LEU C 55 -23.51 -27.57 -38.12
C LEU C 55 -24.19 -28.90 -38.37
N PHE C 56 -24.01 -29.83 -37.45
CA PHE C 56 -24.64 -31.15 -37.55
C PHE C 56 -26.17 -31.09 -37.45
N GLY C 57 -26.68 -30.19 -36.61
CA GLY C 57 -28.12 -30.04 -36.42
C GLY C 57 -28.78 -29.34 -37.59
N LEU C 58 -28.20 -28.22 -38.01
CA LEU C 58 -28.72 -27.42 -39.11
C LEU C 58 -28.74 -28.18 -40.43
N SER C 59 -27.73 -29.02 -40.64
CA SER C 59 -27.65 -29.84 -41.85
C SER C 59 -28.66 -30.99 -41.82
N ALA C 60 -29.19 -31.30 -40.64
CA ALA C 60 -30.30 -32.26 -40.54
C ALA C 60 -31.64 -31.62 -40.94
N LEU C 61 -31.60 -30.32 -41.23
CA LEU C 61 -32.79 -29.56 -41.62
C LEU C 61 -32.66 -28.96 -43.01
N LEU C 62 -31.43 -28.59 -43.37
CA LEU C 62 -31.19 -27.89 -44.63
C LEU C 62 -30.77 -28.80 -45.77
N LEU C 63 -30.17 -29.95 -45.45
CA LEU C 63 -29.65 -30.86 -46.46
C LEU C 63 -30.56 -32.07 -46.70
N PRO C 64 -30.60 -32.56 -47.96
CA PRO C 64 -31.46 -33.68 -48.32
C PRO C 64 -30.83 -35.05 -48.05
N GLY C 65 -31.66 -36.09 -48.05
CA GLY C 65 -31.20 -37.47 -47.84
C GLY C 65 -30.93 -37.80 -46.37
N ASN C 66 -31.01 -39.08 -46.03
CA ASN C 66 -30.77 -39.55 -44.66
C ASN C 66 -29.30 -39.57 -44.26
N PHE C 67 -29.02 -39.92 -43.01
CA PHE C 67 -27.65 -39.94 -42.49
C PHE C 67 -26.83 -41.07 -43.10
N GLU C 68 -27.43 -42.25 -43.19
CA GLU C 68 -26.78 -43.42 -43.79
C GLU C 68 -26.43 -43.15 -45.25
N SER C 69 -27.30 -42.39 -45.92
CA SER C 69 -27.05 -41.90 -47.27
C SER C 69 -25.77 -41.06 -47.32
N HIS C 70 -25.60 -40.18 -46.33
CA HIS C 70 -24.41 -39.33 -46.24
C HIS C 70 -23.16 -40.11 -45.83
N LEU C 71 -23.34 -41.24 -45.14
CA LEU C 71 -22.22 -42.12 -44.81
C LEU C 71 -21.69 -42.81 -46.06
N GLU C 72 -22.60 -43.26 -46.92
CA GLU C 72 -22.24 -43.87 -48.20
C GLU C 72 -21.45 -42.90 -49.07
N LEU C 73 -21.61 -41.61 -48.79
CA LEU C 73 -20.89 -40.56 -49.51
C LEU C 73 -19.45 -40.43 -48.99
N VAL C 74 -19.27 -40.69 -47.69
CA VAL C 74 -17.93 -40.69 -47.08
C VAL C 74 -17.15 -41.96 -47.47
N LYS C 75 -17.87 -43.07 -47.58
CA LYS C 75 -17.30 -44.34 -48.04
C LYS C 75 -16.77 -44.24 -49.47
N SER C 76 -17.47 -43.48 -50.31
CA SER C 76 -17.12 -43.28 -51.72
C SER C 76 -15.77 -42.56 -51.88
N LEU C 77 -15.66 -41.41 -51.23
CA LEU C 77 -14.47 -40.54 -51.31
C LEU C 77 -13.19 -41.26 -50.89
N CYS C 78 -13.27 -42.00 -49.80
CA CYS C 78 -12.08 -42.55 -49.14
C CYS C 78 -11.43 -43.74 -49.85
N LEU C 79 -10.11 -43.70 -49.92
CA LEU C 79 -9.26 -44.82 -50.26
C LEU C 79 -8.12 -44.93 -49.23
N GLY C 80 -8.33 -44.30 -48.07
CA GLY C 80 -7.30 -44.20 -47.01
C GLY C 80 -7.66 -44.88 -45.69
N PRO C 81 -6.70 -45.65 -45.12
CA PRO C 81 -6.96 -46.41 -43.90
C PRO C 81 -6.74 -45.61 -42.61
N THR C 82 -5.51 -45.12 -42.41
CA THR C 82 -5.14 -44.35 -41.22
C THR C 82 -5.68 -42.92 -41.26
N LEU C 83 -6.08 -42.47 -42.45
CA LEU C 83 -6.69 -41.15 -42.61
C LEU C 83 -8.08 -41.08 -41.95
N ILE C 84 -8.72 -42.24 -41.79
CA ILE C 84 -10.00 -42.32 -41.08
C ILE C 84 -9.76 -42.16 -39.58
N TYR C 85 -8.61 -42.68 -39.12
CA TYR C 85 -8.18 -42.54 -37.74
C TYR C 85 -7.85 -41.08 -37.43
N THR C 86 -7.20 -40.41 -38.38
CA THR C 86 -6.88 -38.98 -38.26
C THR C 86 -8.15 -38.12 -38.15
N ALA C 87 -9.19 -38.51 -38.89
CA ALA C 87 -10.49 -37.85 -38.76
C ALA C 87 -11.07 -38.07 -37.37
N LYS C 88 -10.96 -39.31 -36.88
CA LYS C 88 -11.49 -39.70 -35.56
C LYS C 88 -10.71 -39.07 -34.42
N PHE C 89 -9.39 -38.99 -34.57
CA PHE C 89 -8.51 -38.37 -33.58
C PHE C 89 -8.71 -36.85 -33.53
N GLY C 90 -8.92 -36.26 -34.70
CA GLY C 90 -9.18 -34.82 -34.83
C GLY C 90 -10.55 -34.41 -34.32
N ILE C 91 -11.50 -35.32 -34.41
CA ILE C 91 -12.84 -35.10 -33.86
C ILE C 91 -12.81 -35.25 -32.34
N VAL C 92 -12.26 -36.36 -31.87
CA VAL C 92 -12.29 -36.71 -30.46
C VAL C 92 -11.31 -35.91 -29.58
N PHE C 93 -10.24 -35.39 -30.18
CA PHE C 93 -9.23 -34.63 -29.42
C PHE C 93 -9.80 -33.39 -28.71
N PRO C 94 -10.46 -32.47 -29.46
CA PRO C 94 -11.02 -31.31 -28.77
C PRO C 94 -12.14 -31.67 -27.78
N LEU C 95 -12.87 -32.75 -28.05
CA LEU C 95 -13.92 -33.19 -27.13
C LEU C 95 -13.35 -33.67 -25.80
N MET C 96 -12.33 -34.51 -25.86
CA MET C 96 -11.70 -35.04 -24.65
C MET C 96 -11.04 -33.94 -23.83
N TYR C 97 -10.28 -33.07 -24.50
CA TYR C 97 -9.65 -31.94 -23.83
C TYR C 97 -10.65 -31.14 -22.99
N HIS C 98 -11.68 -30.63 -23.67
CA HIS C 98 -12.71 -29.82 -23.04
C HIS C 98 -13.40 -30.58 -21.89
N THR C 99 -13.62 -31.87 -22.09
CA THR C 99 -14.28 -32.70 -21.06
C THR C 99 -13.43 -32.76 -19.79
N TRP C 100 -12.19 -33.22 -19.92
CA TRP C 100 -11.31 -33.33 -18.77
C TRP C 100 -11.11 -31.99 -18.08
N ASN C 101 -10.73 -30.96 -18.84
CA ASN C 101 -10.53 -29.63 -18.31
C ASN C 101 -11.82 -29.04 -17.74
N GLY C 102 -12.96 -29.52 -18.24
CA GLY C 102 -14.27 -29.18 -17.69
C GLY C 102 -14.45 -29.69 -16.27
N ILE C 103 -14.07 -30.94 -16.04
CA ILE C 103 -14.02 -31.53 -14.70
C ILE C 103 -13.12 -30.69 -13.78
N ARG C 104 -11.97 -30.28 -14.30
CA ARG C 104 -11.03 -29.45 -13.55
C ARG C 104 -11.69 -28.12 -13.18
N HIS C 105 -12.51 -27.60 -14.09
CA HIS C 105 -13.27 -26.38 -13.84
C HIS C 105 -14.33 -26.56 -12.77
N LEU C 106 -15.03 -27.69 -12.81
CA LEU C 106 -16.08 -27.99 -11.83
C LEU C 106 -15.51 -28.24 -10.45
N ILE C 107 -14.33 -28.87 -10.38
CA ILE C 107 -13.60 -29.03 -9.13
C ILE C 107 -13.19 -27.66 -8.57
N TRP C 108 -12.74 -26.75 -9.43
CA TRP C 108 -12.46 -25.38 -9.03
C TRP C 108 -13.68 -24.69 -8.41
N ASP C 109 -14.84 -24.86 -9.04
CA ASP C 109 -16.08 -24.22 -8.58
C ASP C 109 -16.50 -24.70 -7.18
N LEU C 110 -16.05 -25.90 -6.83
CA LEU C 110 -16.22 -26.43 -5.48
C LEU C 110 -15.25 -25.78 -4.47
N GLY C 111 -14.24 -25.08 -4.97
CA GLY C 111 -13.29 -24.36 -4.13
C GLY C 111 -11.95 -25.05 -3.95
N LYS C 112 -11.80 -26.21 -4.59
CA LYS C 112 -10.64 -27.06 -4.38
C LYS C 112 -9.64 -26.94 -5.52
N GLY C 113 -8.37 -27.18 -5.19
CA GLY C 113 -7.26 -27.21 -6.14
C GLY C 113 -6.87 -25.86 -6.72
N LEU C 114 -6.97 -24.81 -5.91
CA LEU C 114 -6.73 -23.45 -6.40
C LEU C 114 -5.41 -22.81 -5.94
N THR C 115 -4.38 -23.62 -5.73
CA THR C 115 -3.04 -23.09 -5.48
C THR C 115 -2.22 -23.19 -6.76
N ILE C 116 -1.19 -22.36 -6.89
CA ILE C 116 -0.36 -22.36 -8.10
C ILE C 116 0.32 -23.73 -8.37
N PRO C 117 0.91 -24.36 -7.34
CA PRO C 117 1.44 -25.70 -7.57
C PRO C 117 0.37 -26.68 -8.07
N GLN C 118 -0.84 -26.59 -7.51
CA GLN C 118 -1.95 -27.48 -7.90
C GLN C 118 -2.45 -27.28 -9.32
N LEU C 119 -2.42 -26.04 -9.79
CA LEU C 119 -2.78 -25.72 -11.17
C LEU C 119 -1.86 -26.40 -12.17
N THR C 120 -0.56 -26.36 -11.90
CA THR C 120 0.43 -27.02 -12.75
C THR C 120 0.18 -28.54 -12.77
N GLN C 121 0.04 -29.14 -11.60
CA GLN C 121 -0.26 -30.58 -11.45
C GLN C 121 -1.56 -31.02 -12.12
N SER C 122 -2.68 -30.42 -11.70
CA SER C 122 -3.98 -30.71 -12.30
C SER C 122 -3.98 -30.47 -13.81
N GLY C 123 -3.38 -29.36 -14.22
CA GLY C 123 -3.19 -29.04 -15.64
C GLY C 123 -2.45 -30.12 -16.42
N VAL C 124 -1.31 -30.57 -15.90
CA VAL C 124 -0.54 -31.63 -16.56
C VAL C 124 -1.33 -32.94 -16.62
N VAL C 125 -2.02 -33.28 -15.53
CA VAL C 125 -2.84 -34.50 -15.49
C VAL C 125 -3.95 -34.46 -16.54
N VAL C 126 -4.56 -33.28 -16.73
CA VAL C 126 -5.56 -33.10 -17.78
C VAL C 126 -4.94 -33.35 -19.17
N LEU C 127 -3.77 -32.75 -19.41
CA LEU C 127 -3.07 -32.84 -20.68
C LEU C 127 -2.78 -34.30 -21.05
N ILE C 128 -2.20 -35.04 -20.11
CA ILE C 128 -1.91 -36.46 -20.25
C ILE C 128 -3.18 -37.30 -20.46
N LEU C 129 -4.26 -36.94 -19.75
CA LEU C 129 -5.54 -37.65 -19.86
C LEU C 129 -6.23 -37.45 -21.21
N THR C 130 -6.04 -36.27 -21.81
CA THR C 130 -6.62 -35.99 -23.12
C THR C 130 -6.00 -36.89 -24.18
N VAL C 131 -4.67 -36.89 -24.25
CA VAL C 131 -3.93 -37.71 -25.22
C VAL C 131 -4.32 -39.20 -25.14
N LEU C 132 -4.36 -39.74 -23.93
CA LEU C 132 -4.68 -41.16 -23.72
C LEU C 132 -6.09 -41.53 -24.15
N SER C 133 -7.07 -40.75 -23.72
CA SER C 133 -8.47 -41.02 -24.07
C SER C 133 -8.80 -40.65 -25.52
N SER C 134 -7.99 -39.79 -26.13
CA SER C 134 -8.17 -39.45 -27.54
C SER C 134 -7.62 -40.53 -28.46
N VAL C 135 -6.42 -41.02 -28.13
CA VAL C 135 -5.83 -42.16 -28.82
C VAL C 135 -6.69 -43.40 -28.50
N GLY C 136 -7.16 -43.48 -27.26
CA GLY C 136 -8.00 -44.59 -26.80
C GLY C 136 -9.33 -44.74 -27.52
N LEU C 137 -10.03 -43.62 -27.73
CA LEU C 137 -11.34 -43.64 -28.40
C LEU C 137 -11.22 -43.75 -29.91
N ALA C 138 -10.21 -43.11 -30.48
CA ALA C 138 -9.99 -43.13 -31.92
C ALA C 138 -9.89 -44.54 -32.51
N ALA C 139 -9.44 -45.49 -31.68
CA ALA C 139 -9.34 -46.90 -32.08
C ALA C 139 -10.46 -47.73 -31.44
N MET C 140 -11.62 -47.76 -32.11
CA MET C 140 -12.81 -48.45 -31.58
C MET C 140 -13.70 -49.07 -32.68
N SER D 2 -33.38 -6.56 -4.70
CA SER D 2 -32.53 -7.61 -5.33
C SER D 2 -33.31 -8.91 -5.63
N SER D 3 -33.03 -9.52 -6.78
CA SER D 3 -33.50 -10.85 -7.14
C SER D 3 -32.28 -11.58 -7.68
N LYS D 4 -31.98 -12.75 -7.12
CA LYS D 4 -30.71 -13.42 -7.43
C LYS D 4 -30.69 -14.19 -8.77
N ALA D 5 -30.72 -13.43 -9.87
CA ALA D 5 -30.77 -13.97 -11.23
C ALA D 5 -29.44 -14.49 -11.76
N ALA D 6 -28.36 -13.75 -11.50
CA ALA D 6 -27.04 -14.12 -11.99
C ALA D 6 -26.46 -15.32 -11.25
N SER D 7 -26.74 -15.42 -9.95
CA SER D 7 -26.28 -16.55 -9.15
C SER D 7 -27.02 -17.86 -9.49
N LEU D 8 -28.33 -17.76 -9.75
CA LEU D 8 -29.11 -18.90 -10.21
C LEU D 8 -28.65 -19.36 -11.59
N HIS D 9 -28.39 -18.41 -12.48
CA HIS D 9 -27.90 -18.70 -13.83
C HIS D 9 -26.59 -19.46 -13.78
N TRP D 10 -25.68 -18.99 -12.92
CA TRP D 10 -24.39 -19.62 -12.70
C TRP D 10 -24.56 -21.04 -12.18
N THR D 11 -25.46 -21.21 -11.21
CA THR D 11 -25.73 -22.53 -10.67
C THR D 11 -26.28 -23.45 -11.76
N GLY D 12 -27.28 -22.98 -12.48
CA GLY D 12 -27.86 -23.70 -13.60
C GLY D 12 -26.83 -24.21 -14.59
N GLU D 13 -25.87 -23.36 -14.93
CA GLU D 13 -24.75 -23.71 -15.82
C GLU D 13 -24.00 -24.96 -15.35
N ARG D 14 -23.63 -24.97 -14.07
CA ARG D 14 -22.85 -26.05 -13.48
C ARG D 14 -23.68 -27.32 -13.32
N VAL D 15 -24.98 -27.15 -13.09
CA VAL D 15 -25.89 -28.28 -12.96
C VAL D 15 -26.04 -29.01 -14.28
N VAL D 16 -26.14 -28.28 -15.39
CA VAL D 16 -26.22 -28.94 -16.70
C VAL D 16 -24.85 -29.45 -17.18
N SER D 17 -23.77 -28.87 -16.66
CA SER D 17 -22.44 -29.40 -16.92
C SER D 17 -22.29 -30.80 -16.36
N VAL D 18 -22.64 -30.98 -15.08
CA VAL D 18 -22.60 -32.31 -14.45
C VAL D 18 -23.60 -33.28 -15.11
N LEU D 19 -24.74 -32.73 -15.55
CA LEU D 19 -25.75 -33.52 -16.26
C LEU D 19 -25.17 -34.07 -17.56
N LEU D 20 -24.47 -33.20 -18.30
CA LEU D 20 -23.85 -33.58 -19.56
C LEU D 20 -22.70 -34.56 -19.34
N LEU D 21 -21.94 -34.35 -18.26
CA LEU D 21 -20.85 -35.26 -17.90
C LEU D 21 -21.39 -36.63 -17.58
N GLY D 22 -22.54 -36.68 -16.90
CA GLY D 22 -23.20 -37.94 -16.60
C GLY D 22 -23.73 -38.63 -17.84
N LEU D 23 -24.20 -37.83 -18.80
CA LEU D 23 -24.88 -38.35 -19.98
C LEU D 23 -23.99 -39.03 -21.01
N LEU D 24 -22.73 -38.61 -21.10
CA LEU D 24 -21.80 -39.23 -22.05
C LEU D 24 -21.46 -40.70 -21.73
N PRO D 25 -21.15 -41.02 -20.45
CA PRO D 25 -21.03 -42.42 -20.08
C PRO D 25 -22.36 -43.15 -20.19
N ALA D 26 -23.43 -42.49 -19.75
CA ALA D 26 -24.77 -43.07 -19.76
C ALA D 26 -25.26 -43.40 -21.18
N ALA D 27 -24.90 -42.55 -22.15
CA ALA D 27 -25.27 -42.75 -23.54
C ALA D 27 -24.55 -43.95 -24.15
N TYR D 28 -23.28 -44.13 -23.77
CA TYR D 28 -22.47 -45.24 -24.27
C TYR D 28 -22.97 -46.55 -23.69
N LEU D 29 -23.14 -46.59 -22.37
CA LEU D 29 -23.57 -47.79 -21.67
C LEU D 29 -25.02 -48.18 -21.99
N ASN D 30 -25.82 -47.19 -22.37
CA ASN D 30 -27.24 -47.39 -22.63
C ASN D 30 -27.75 -46.51 -23.78
N PRO D 31 -27.43 -46.90 -25.05
CA PRO D 31 -27.85 -46.09 -26.19
C PRO D 31 -29.30 -46.38 -26.59
N CYS D 32 -30.17 -45.40 -26.41
CA CYS D 32 -31.60 -45.58 -26.66
C CYS D 32 -32.28 -44.29 -27.11
N SER D 33 -33.56 -44.42 -27.47
CA SER D 33 -34.40 -43.29 -27.89
C SER D 33 -34.42 -42.16 -26.86
N ALA D 34 -34.58 -42.51 -25.59
CA ALA D 34 -34.68 -41.53 -24.49
C ALA D 34 -33.40 -40.75 -24.26
N MET D 35 -32.26 -41.44 -24.37
CA MET D 35 -30.94 -40.84 -24.18
C MET D 35 -30.60 -39.88 -25.30
N ASP D 36 -31.18 -40.11 -26.48
CA ASP D 36 -30.98 -39.27 -27.65
C ASP D 36 -31.51 -37.86 -27.45
N TYR D 37 -32.75 -37.75 -26.96
CA TYR D 37 -33.38 -36.46 -26.74
C TYR D 37 -32.72 -35.67 -25.60
N SER D 38 -32.48 -36.32 -24.47
CA SER D 38 -31.83 -35.66 -23.33
C SER D 38 -30.41 -35.19 -23.65
N LEU D 39 -29.75 -35.90 -24.56
CA LEU D 39 -28.43 -35.51 -25.05
C LEU D 39 -28.52 -34.30 -25.97
N ALA D 40 -29.65 -34.13 -26.65
CA ALA D 40 -29.88 -32.98 -27.50
C ALA D 40 -30.16 -31.72 -26.67
N ALA D 41 -30.98 -31.88 -25.64
CA ALA D 41 -31.34 -30.78 -24.73
C ALA D 41 -30.13 -30.32 -23.94
N ALA D 42 -29.49 -31.25 -23.24
CA ALA D 42 -28.31 -30.94 -22.44
C ALA D 42 -27.21 -30.33 -23.29
N LEU D 43 -27.04 -30.87 -24.49
CA LEU D 43 -25.98 -30.45 -25.41
C LEU D 43 -26.17 -29.02 -25.93
N THR D 44 -27.36 -28.72 -26.46
CA THR D 44 -27.63 -27.39 -27.03
C THR D 44 -27.71 -26.30 -25.96
N LEU D 45 -28.29 -26.64 -24.81
CA LEU D 45 -28.42 -25.70 -23.69
C LEU D 45 -27.04 -25.27 -23.18
N HIS D 46 -26.19 -26.24 -22.85
CA HIS D 46 -24.85 -25.97 -22.32
C HIS D 46 -24.03 -25.13 -23.28
N GLY D 47 -24.20 -25.42 -24.57
CA GLY D 47 -23.53 -24.69 -25.65
C GLY D 47 -24.07 -23.29 -25.85
N HIS D 48 -25.39 -23.13 -25.69
CA HIS D 48 -26.05 -21.83 -25.76
C HIS D 48 -25.53 -20.91 -24.64
N TRP D 49 -25.53 -21.43 -23.41
CA TRP D 49 -25.04 -20.69 -22.24
C TRP D 49 -23.55 -20.43 -22.33
N GLY D 50 -22.82 -21.35 -22.98
CA GLY D 50 -21.39 -21.19 -23.23
C GLY D 50 -21.09 -20.03 -24.16
N ILE D 51 -21.71 -20.06 -25.35
CA ILE D 51 -21.59 -18.95 -26.31
C ILE D 51 -22.14 -17.64 -25.72
N GLY D 52 -23.15 -17.77 -24.85
CA GLY D 52 -23.65 -16.64 -24.07
C GLY D 52 -22.52 -15.84 -23.44
N GLN D 53 -21.65 -16.53 -22.71
CA GLN D 53 -20.50 -15.92 -22.04
C GLN D 53 -19.51 -15.27 -23.00
N VAL D 54 -19.24 -15.92 -24.13
CA VAL D 54 -18.30 -15.41 -25.13
C VAL D 54 -18.83 -14.11 -25.76
N VAL D 55 -20.13 -14.10 -26.05
CA VAL D 55 -20.82 -12.90 -26.51
C VAL D 55 -20.70 -11.81 -25.44
N THR D 56 -21.09 -12.14 -24.21
CA THR D 56 -21.05 -11.20 -23.08
C THR D 56 -19.68 -10.54 -22.91
N ASP D 57 -18.62 -11.32 -23.09
CA ASP D 57 -17.24 -10.85 -22.88
C ASP D 57 -16.72 -9.93 -23.99
N TYR D 58 -17.07 -10.26 -25.22
CA TYR D 58 -16.47 -9.62 -26.40
C TYR D 58 -17.35 -8.64 -27.16
N VAL D 59 -18.67 -8.83 -27.11
CA VAL D 59 -19.58 -7.96 -27.87
C VAL D 59 -19.79 -6.62 -27.15
N ARG D 60 -18.90 -5.68 -27.45
CA ARG D 60 -18.94 -4.33 -26.88
C ARG D 60 -19.92 -3.52 -27.69
N GLY D 61 -20.98 -3.04 -27.03
CA GLY D 61 -21.99 -2.24 -27.72
C GLY D 61 -23.39 -2.38 -27.15
N ASP D 62 -24.27 -1.52 -27.63
CA ASP D 62 -25.65 -1.43 -27.14
C ASP D 62 -26.55 -2.30 -27.99
N ALA D 63 -26.82 -1.85 -29.22
CA ALA D 63 -27.67 -2.59 -30.16
C ALA D 63 -26.96 -3.82 -30.74
N LEU D 64 -25.67 -3.95 -30.49
CA LEU D 64 -24.91 -5.13 -30.91
C LEU D 64 -25.08 -6.30 -29.94
N GLN D 65 -24.96 -6.01 -28.64
CA GLN D 65 -25.27 -6.96 -27.57
C GLN D 65 -26.67 -7.55 -27.80
N LYS D 66 -27.60 -6.68 -28.23
CA LYS D 66 -28.95 -7.06 -28.63
C LYS D 66 -28.94 -8.12 -29.74
N ALA D 67 -28.35 -7.78 -30.88
CA ALA D 67 -28.34 -8.65 -32.07
C ALA D 67 -27.66 -10.00 -31.84
N ALA D 68 -26.44 -9.96 -31.31
CA ALA D 68 -25.67 -11.18 -31.07
C ALA D 68 -26.42 -12.17 -30.20
N LYS D 69 -27.06 -11.67 -29.15
CA LYS D 69 -27.89 -12.49 -28.26
C LYS D 69 -29.11 -13.10 -28.95
N ALA D 70 -29.82 -12.29 -29.76
CA ALA D 70 -30.94 -12.79 -30.56
C ALA D 70 -30.44 -13.78 -31.62
N GLY D 71 -29.34 -13.43 -32.28
CA GLY D 71 -28.72 -14.27 -33.30
C GLY D 71 -28.30 -15.63 -32.77
N LEU D 72 -27.80 -15.66 -31.54
CA LEU D 72 -27.47 -16.91 -30.88
C LEU D 72 -28.76 -17.69 -30.57
N LEU D 73 -29.75 -17.00 -30.02
CA LEU D 73 -31.04 -17.62 -29.68
C LEU D 73 -31.66 -18.32 -30.89
N ALA D 74 -31.54 -17.70 -32.06
CA ALA D 74 -31.97 -18.31 -33.31
C ALA D 74 -31.19 -19.59 -33.59
N LEU D 75 -29.87 -19.45 -33.66
CA LEU D 75 -28.99 -20.57 -33.99
C LEU D 75 -29.16 -21.74 -33.03
N SER D 76 -29.36 -21.45 -31.75
CA SER D 76 -29.62 -22.48 -30.73
C SER D 76 -30.94 -23.20 -30.96
N ALA D 77 -32.01 -22.42 -31.12
CA ALA D 77 -33.33 -22.97 -31.39
C ALA D 77 -33.31 -23.85 -32.63
N PHE D 78 -32.69 -23.36 -33.70
CA PHE D 78 -32.48 -24.13 -34.92
C PHE D 78 -31.70 -25.41 -34.67
N THR D 79 -30.68 -25.31 -33.83
CA THR D 79 -29.85 -26.46 -33.48
C THR D 79 -30.67 -27.53 -32.75
N PHE D 80 -31.40 -27.13 -31.70
CA PHE D 80 -32.17 -28.10 -30.91
C PHE D 80 -33.28 -28.76 -31.72
N ALA D 81 -33.91 -27.99 -32.60
CA ALA D 81 -34.91 -28.54 -33.51
C ALA D 81 -34.27 -29.56 -34.44
N GLY D 82 -33.18 -29.14 -35.10
CA GLY D 82 -32.41 -30.02 -35.98
C GLY D 82 -32.06 -31.36 -35.37
N LEU D 83 -31.63 -31.34 -34.11
CA LEU D 83 -31.30 -32.56 -33.37
C LEU D 83 -32.54 -33.41 -33.08
N CYS D 84 -33.63 -32.75 -32.69
CA CYS D 84 -34.88 -33.45 -32.40
C CYS D 84 -35.46 -34.07 -33.65
N TYR D 85 -35.31 -33.37 -34.77
CA TYR D 85 -35.72 -33.90 -36.07
C TYR D 85 -34.90 -35.14 -36.36
N PHE D 86 -33.61 -35.05 -36.13
CA PHE D 86 -32.70 -36.15 -36.39
C PHE D 86 -33.02 -37.39 -35.54
N ASN D 87 -33.44 -37.15 -34.30
CA ASN D 87 -33.83 -38.23 -33.39
C ASN D 87 -35.13 -38.92 -33.82
N TYR D 88 -36.07 -38.11 -34.31
CA TYR D 88 -37.40 -38.58 -34.69
C TYR D 88 -37.40 -39.31 -36.05
N HIS D 89 -36.85 -38.67 -37.07
CA HIS D 89 -36.93 -39.16 -38.46
C HIS D 89 -35.66 -39.82 -38.98
N ASP D 90 -34.70 -40.05 -38.09
CA ASP D 90 -33.46 -40.73 -38.48
C ASP D 90 -32.98 -41.57 -37.29
N VAL D 91 -31.75 -42.07 -37.39
CA VAL D 91 -31.22 -43.02 -36.40
C VAL D 91 -30.91 -42.44 -35.02
N GLY D 92 -30.88 -41.11 -34.92
CA GLY D 92 -30.66 -40.44 -33.64
C GLY D 92 -29.21 -40.46 -33.19
N ILE D 93 -28.81 -39.40 -32.50
CA ILE D 93 -27.41 -39.17 -32.10
C ILE D 93 -26.62 -40.44 -31.77
N CYS D 94 -27.12 -41.23 -30.80
CA CYS D 94 -26.42 -42.42 -30.33
C CYS D 94 -26.02 -43.34 -31.48
N LYS D 95 -27.01 -43.97 -32.12
CA LYS D 95 -26.79 -44.87 -33.25
C LYS D 95 -25.99 -44.21 -34.37
N ALA D 96 -26.17 -42.91 -34.56
CA ALA D 96 -25.49 -42.16 -35.62
C ALA D 96 -23.99 -42.08 -35.41
N VAL D 97 -23.58 -41.87 -34.16
CA VAL D 97 -22.17 -41.88 -33.77
C VAL D 97 -21.61 -43.31 -33.95
N ALA D 98 -22.36 -44.28 -33.43
CA ALA D 98 -22.02 -45.70 -33.52
C ALA D 98 -21.65 -46.16 -34.93
N MET D 99 -22.45 -45.72 -35.90
CA MET D 99 -22.23 -46.05 -37.31
C MET D 99 -20.97 -45.34 -37.82
N LEU D 100 -20.88 -44.05 -37.56
CA LEU D 100 -19.75 -43.23 -37.97
C LEU D 100 -18.42 -43.82 -37.53
N TRP D 101 -18.40 -44.38 -36.33
CA TRP D 101 -17.16 -44.84 -35.70
C TRP D 101 -16.66 -46.17 -36.26
N LYS D 102 -17.56 -47.14 -36.41
CA LYS D 102 -17.19 -48.42 -37.02
C LYS D 102 -17.09 -48.30 -38.54
N LEU D 103 -16.61 -47.15 -39.00
CA LEU D 103 -16.36 -46.88 -40.41
C LEU D 103 -14.90 -47.18 -40.76
PA FAD E . 3.00 10.01 6.87
O1A FAD E . 4.50 10.15 6.88
O2A FAD E . 2.65 8.59 7.21
O5B FAD E . 2.48 10.39 5.41
C5B FAD E . 2.71 11.69 4.89
C4B FAD E . 1.47 12.17 4.13
O4B FAD E . 1.59 13.53 3.78
C3B FAD E . 1.30 11.41 2.84
O3B FAD E . -0.10 11.21 2.70
C2B FAD E . 1.84 12.34 1.77
O2B FAD E . 1.20 12.19 0.54
C1B FAD E . 1.58 13.70 2.38
N9A FAD E . 2.54 14.73 1.94
C8A FAD E . 3.86 14.86 2.32
N7A FAD E . 4.37 15.93 1.69
C5A FAD E . 3.42 16.50 0.91
C6A FAD E . 3.40 17.61 0.05
N6A FAD E . 4.54 18.01 -0.51
N1A FAD E . 2.23 17.92 -0.61
C2A FAD E . 1.09 17.16 -0.44
N3A FAD E . 1.12 16.07 0.40
C4A FAD E . 2.26 15.75 1.06
N1 FAD E . 5.03 4.27 14.81
C2 FAD E . 4.28 3.53 15.72
O2 FAD E . 3.69 4.11 16.64
N3 FAD E . 4.21 2.17 15.59
C4 FAD E . 4.88 1.53 14.55
O4 FAD E . 4.80 0.31 14.46
C4X FAD E . 5.64 2.27 13.64
N5 FAD E . 6.33 1.65 12.60
C5X FAD E . 7.06 2.40 11.71
C6 FAD E . 7.75 1.78 10.66
C7 FAD E . 8.50 2.53 9.75
C7M FAD E . 9.23 1.82 8.64
C8 FAD E . 8.56 3.92 9.90
C8M FAD E . 9.37 4.75 8.96
C9 FAD E . 7.88 4.54 10.94
C9A FAD E . 7.13 3.79 11.84
N10 FAD E . 6.46 4.40 12.89
C10 FAD E . 5.71 3.65 13.78
C1' FAD E . 6.50 5.90 13.01
C2' FAD E . 5.18 6.41 12.42
O2' FAD E . 4.59 5.41 11.60
C3' FAD E . 5.28 7.67 11.58
O3' FAD E . 5.73 8.74 12.38
C4' FAD E . 3.91 7.99 10.98
O4' FAD E . 3.66 7.11 9.91
C5' FAD E . 3.76 9.40 10.45
O5' FAD E . 2.48 9.46 9.87
P FAD E . 1.85 10.86 9.39
O1P FAD E . 0.33 10.75 9.42
O2P FAD E . 2.32 11.99 10.26
O3P FAD E . 2.31 11.09 7.85
C1 MLI F . 7.86 0.44 16.10
C2 MLI F . 8.60 -0.62 15.31
C3 MLI F . 8.23 1.82 15.62
O6 MLI F . 8.16 -0.96 14.19
O7 MLI F . 9.63 -1.09 15.82
O8 MLI F . 8.80 1.98 14.52
O9 MLI F . 7.93 2.78 16.36
FE1 FES G . 7.55 -0.82 -4.37
FE2 FES G . 6.44 0.55 -2.00
S1 FES G . 7.64 1.26 -3.71
S2 FES G . 5.86 -1.26 -3.07
FE1 SF4 H . -3.44 -7.33 -3.40
FE2 SF4 H . -1.73 -6.47 -5.30
FE3 SF4 H . -1.85 -9.14 -4.59
FE4 SF4 H . -3.86 -7.98 -5.95
S1 SF4 H . -1.71 -8.27 -6.72
S2 SF4 H . -4.08 -9.39 -4.16
S3 SF4 H . -3.91 -5.84 -5.10
S4 SF4 H . -1.15 -7.39 -3.27
FE1 F3S I . -10.70 -14.54 -12.43
FE3 F3S I . -8.05 -14.18 -11.57
FE4 F3S I . -8.97 -13.66 -13.64
S1 F3S I . -9.26 -16.02 -11.61
S2 F3S I . -10.85 -14.17 -14.60
S3 F3S I . -9.68 -12.69 -11.81
S4 F3S I . -6.82 -13.62 -13.33
CHA HEM J . -17.70 -24.05 -21.18
CHB HEM J . -17.99 -28.29 -18.88
CHC HEM J . -18.94 -30.49 -23.07
CHD HEM J . -19.47 -26.18 -25.20
C1A HEM J . -17.73 -24.99 -20.18
C2A HEM J . -17.63 -24.74 -18.73
C3A HEM J . -17.70 -25.93 -18.11
C4A HEM J . -17.87 -26.95 -19.13
CMA HEM J . -17.65 -26.23 -16.60
CAA HEM J . -17.46 -23.35 -18.06
CBA HEM J . -16.02 -23.17 -17.60
CGA HEM J . -15.79 -21.81 -16.96
O1A HEM J . -15.31 -20.89 -17.71
O2A HEM J . -16.07 -21.66 -15.75
C1B HEM J . -18.20 -29.28 -19.81
C2B HEM J . -18.17 -30.71 -19.56
C3B HEM J . -18.43 -31.31 -20.72
C4B HEM J . -18.64 -30.29 -21.73
CMB HEM J . -17.87 -31.39 -18.20
CAB HEM J . -18.50 -32.84 -20.96
CBB HEM J . -19.57 -33.53 -20.55
C1C HEM J . -19.24 -29.52 -24.00
C2C HEM J . -19.75 -29.74 -25.35
C3C HEM J . -19.88 -28.54 -25.93
C4C HEM J . -19.47 -27.53 -24.98
CMC HEM J . -20.06 -31.10 -25.99
CAC HEM J . -20.41 -28.26 -27.37
CBC HEM J . -21.52 -27.53 -27.56
C1D HEM J . -19.00 -25.21 -24.35
C2D HEM J . -18.86 -23.83 -24.72
C3D HEM J . -18.29 -23.15 -23.47
C4D HEM J . -18.17 -24.20 -22.48
CMD HEM J . -19.18 -23.15 -26.06
CAD HEM J . -17.98 -21.65 -23.38
CBD HEM J . -16.54 -21.41 -22.96
CGD HEM J . -16.61 -20.33 -21.93
O1D HEM J . -17.31 -20.50 -20.89
O2D HEM J . -15.96 -19.29 -22.16
NA HEM J . -17.89 -26.34 -20.38
NB HEM J . -18.48 -29.06 -21.14
NC HEM J . -19.08 -28.15 -23.81
ND HEM J . -18.59 -25.40 -23.04
FE HEM J . -18.50 -27.22 -22.09
N SLI K . -10.06 -16.61 -21.67
C1 SLI K . -8.10 -14.91 -23.26
O1 SLI K . -9.38 -14.79 -23.70
C2 SLI K . -7.74 -15.96 -22.27
O2 SLI K . -8.33 -18.02 -21.43
C3 SLI K . -6.42 -16.05 -21.84
C4 SLI K . -5.45 -15.17 -22.33
C5 SLI K . -5.79 -14.17 -23.26
C6 SLI K . -7.10 -14.04 -23.72
C7 SLI K . -8.76 -16.92 -21.75
C8 SLI K . -11.02 -17.45 -21.20
C9 SLI K . -10.73 -18.76 -20.77
C10 SLI K . -11.72 -19.63 -20.30
C11 SLI K . -13.04 -19.20 -20.25
C12 SLI K . -13.34 -17.90 -20.67
C13 SLI K . -12.34 -17.04 -21.15
C1 EPH L . -19.70 -47.12 -29.18
C2 EPH L . -20.87 -47.40 -30.11
C4 EPH L . -18.14 -45.35 -30.01
O2 EPH L . -19.31 -45.75 -29.28
O4 EPH L . -17.92 -45.86 -31.11
C18 EPH L . -17.18 -44.33 -29.43
C19 EPH L . -17.86 -42.98 -29.32
C20 EPH L . -16.84 -41.87 -29.09
C21 EPH L . -17.53 -40.50 -28.96
C22 EPH L . -17.26 -39.63 -30.17
C23 EPH L . -18.40 -38.65 -30.42
C24 EPH L . -18.08 -37.70 -31.57
C25 EPH L . -19.08 -37.85 -32.72
C26 EPH L . -19.67 -36.51 -33.12
C27 EPH L . -20.43 -36.56 -34.45
C28 EPH L . -21.94 -36.69 -34.24
C29 EPH L . -22.60 -35.35 -33.89
C30 EPH L . -23.31 -35.44 -32.55
C31 EPH L . -23.83 -34.08 -32.12
C37 EPH L . -20.66 -48.80 -30.71
O5 EPH L . -21.57 -49.76 -30.18
C3 EPH L . -22.40 -46.15 -28.59
O1 EPH L . -22.15 -47.30 -29.47
O3 EPH L . -22.48 -46.38 -27.39
C5 EPH L . -22.56 -44.72 -29.12
C6 EPH L . -22.96 -43.72 -28.03
C7 EPH L . -21.99 -42.55 -27.94
C8 EPH L . -22.67 -41.26 -27.49
C9 EPH L . -21.71 -40.06 -27.49
C10 EPH L . -22.33 -38.79 -28.10
C11 EPH L . -21.47 -37.55 -27.85
C12 EPH L . -21.68 -36.45 -28.89
C13 EPH L . -20.58 -35.38 -28.83
C14 EPH L . -20.60 -34.43 -30.04
C15 EPH L . -19.27 -33.72 -30.30
C16 EPH L . -19.27 -32.98 -31.64
C17 EPH L . -17.87 -32.59 -32.09
P1 EPH L . -21.33 -50.59 -28.81
O6 EPH L . -22.61 -50.51 -27.99
O7 EPH L . -20.02 -50.17 -28.17
O8 EPH L . -21.14 -52.12 -29.30
C38 EPH L . -20.80 -53.16 -28.38
C39 EPH L . -20.39 -54.42 -29.14
N1 EPH L . -19.07 -54.83 -28.72
#